data_3AL9
#
_entry.id   3AL9
#
_cell.length_a   55.702
_cell.length_b   60.677
_cell.length_c   95.385
_cell.angle_alpha   109.80
_cell.angle_beta   92.47
_cell.angle_gamma   112.53
#
_symmetry.space_group_name_H-M   'P 1'
#
loop_
_entity.id
_entity.type
_entity.pdbx_description
1 polymer Plexin-A2
2 non-polymer 1,2-ETHANEDIOL
3 non-polymer 2-acetamido-2-deoxy-beta-D-glucopyranose
4 water water
#
_entity_poly.entity_id   1
_entity_poly.type   'polypeptide(L)'
_entity_poly.pdbx_seq_one_letter_code
;GTTGMPQYSTFHSENRDWTFNHLTVHRRTGAVYVGAINRVYKLTGNLTIQVAHKTGPEEDNKACYPPLIVQPCSEVLTLT
NNVNKLLIIDYSENRLLACGSLYQGVCKLLRLDDLFILVEPSHKKEHYLSSVNKTGTMYGVIVRSEGEDGKLFIGTAVDG
KQDYFPTLSSRKLPRDPESSAMLDYELHSDFVSSLIKIPSDTLALVSHFDIFYIYGFASGGFVYFLTVQPETPDGMAINS
AGDLFYTSRIVRLCKDDPKFHSYVSLPFGCTRAGVEYRLLQAAYLAKPGEALAQAFNISSDEDVLFAIFSKGQKQYHHPP
DDSALCAFPIRAINLQIKERLQSCYHGEGNLELNWLLGKDVQCTKAPVPIDDNFCGLDINQPLGGSTPVEGLTLYTTSRD
RLTSVASYVYNGYSVVFVGTKSGKLKKIRADGPPHGGVQYEMVSVFKDGSPILRDMAFSINQLYLYVMSERQVTRVPVES
CEQYTTCGECLSSGDPHCGWCALHNMCSRRDKCQRAWEANRFAASISQCMSSRENLYFQ
;
_entity_poly.pdbx_strand_id   A,B
#
# COMPACT_ATOMS: atom_id res chain seq x y z
N TYR A 8 -49.81 5.73 -12.78
CA TYR A 8 -48.60 4.97 -13.22
C TYR A 8 -48.30 3.76 -12.34
N SER A 9 -47.94 2.63 -12.94
CA SER A 9 -47.42 1.51 -12.17
C SER A 9 -46.27 2.00 -11.29
N THR A 10 -46.33 1.66 -10.01
CA THR A 10 -45.29 1.98 -9.06
C THR A 10 -45.00 0.81 -8.14
N PHE A 11 -43.72 0.68 -7.77
CA PHE A 11 -43.26 -0.28 -6.77
C PHE A 11 -42.66 0.51 -5.59
N HIS A 12 -43.25 0.32 -4.42
CA HIS A 12 -42.77 0.96 -3.19
C HIS A 12 -41.75 0.07 -2.49
N SER A 13 -40.78 0.68 -1.80
CA SER A 13 -39.83 -0.07 -0.96
C SER A 13 -40.58 -0.65 0.26
N GLU A 14 -40.15 -1.81 0.74
CA GLU A 14 -40.88 -2.48 1.83
C GLU A 14 -40.59 -1.91 3.23
N ASN A 15 -39.39 -1.38 3.42
CA ASN A 15 -39.07 -0.58 4.61
C ASN A 15 -39.03 0.90 4.26
N ARG A 16 -38.62 1.72 5.20
CA ARG A 16 -38.55 3.15 4.96
C ARG A 16 -37.08 3.52 4.77
N ASP A 17 -36.21 2.79 5.47
CA ASP A 17 -34.78 3.04 5.46
C ASP A 17 -34.06 2.21 4.40
N TRP A 18 -34.74 1.17 3.89
CA TRP A 18 -34.16 0.26 2.91
C TRP A 18 -34.37 0.77 1.47
N THR A 19 -33.63 1.81 1.13
CA THR A 19 -33.84 2.53 -0.11
C THR A 19 -33.35 1.80 -1.37
N PHE A 20 -33.94 2.14 -2.50
CA PHE A 20 -33.49 1.63 -3.81
C PHE A 20 -32.17 2.28 -4.24
N ASN A 21 -31.32 1.48 -4.89
CA ASN A 21 -30.01 1.94 -5.33
C ASN A 21 -29.85 1.94 -6.86
N HIS A 22 -30.22 0.82 -7.49
CA HIS A 22 -29.92 0.61 -8.91
C HIS A 22 -31.05 -0.09 -9.65
N LEU A 23 -31.11 0.13 -10.96
CA LEU A 23 -32.17 -0.46 -11.79
C LEU A 23 -31.59 -0.85 -13.13
N THR A 24 -32.01 -2.02 -13.60
CA THR A 24 -31.70 -2.45 -14.95
C THR A 24 -32.88 -3.22 -15.54
N VAL A 25 -33.11 -3.03 -16.83
CA VAL A 25 -34.16 -3.77 -17.51
C VAL A 25 -33.52 -4.78 -18.44
N HIS A 26 -33.96 -6.04 -18.33
CA HIS A 26 -33.52 -7.08 -19.25
C HIS A 26 -34.03 -6.75 -20.66
N ARG A 27 -33.09 -6.65 -21.60
CA ARG A 27 -33.37 -6.05 -22.91
C ARG A 27 -34.17 -6.97 -23.82
N ARG A 28 -34.27 -8.25 -23.45
CA ARG A 28 -35.04 -9.21 -24.22
C ARG A 28 -36.35 -9.55 -23.50
N THR A 29 -36.25 -9.98 -22.25
CA THR A 29 -37.43 -10.45 -21.50
C THR A 29 -38.29 -9.35 -20.90
N GLY A 30 -37.75 -8.14 -20.82
CA GLY A 30 -38.42 -7.04 -20.16
C GLY A 30 -38.53 -7.11 -18.64
N ALA A 31 -37.90 -8.12 -18.03
CA ALA A 31 -37.83 -8.24 -16.55
C ALA A 31 -37.07 -7.06 -15.95
N VAL A 32 -37.61 -6.51 -14.86
CA VAL A 32 -37.01 -5.36 -14.19
C VAL A 32 -36.29 -5.80 -12.91
N TYR A 33 -34.99 -5.54 -12.87
CA TYR A 33 -34.18 -5.87 -11.70
C TYR A 33 -33.79 -4.63 -10.93
N VAL A 34 -34.08 -4.66 -9.63
CA VAL A 34 -33.84 -3.52 -8.75
C VAL A 34 -32.89 -3.90 -7.60
N GLY A 35 -31.79 -3.14 -7.51
CA GLY A 35 -30.84 -3.26 -6.38
C GLY A 35 -31.25 -2.31 -5.28
N ALA A 36 -31.40 -2.83 -4.08
CA ALA A 36 -31.89 -2.05 -2.96
C ALA A 36 -31.08 -2.41 -1.72
N ILE A 37 -31.21 -1.59 -0.68
CA ILE A 37 -30.61 -1.93 0.60
C ILE A 37 -31.29 -3.19 1.14
N ASN A 38 -30.50 -4.22 1.36
CA ASN A 38 -30.95 -5.54 1.86
C ASN A 38 -31.80 -6.40 0.92
N ARG A 39 -32.01 -5.94 -0.32
CA ARG A 39 -32.85 -6.66 -1.29
C ARG A 39 -32.37 -6.49 -2.75
N VAL A 40 -32.44 -7.56 -3.52
CA VAL A 40 -32.42 -7.45 -4.97
C VAL A 40 -33.76 -8.03 -5.42
N TYR A 41 -34.52 -7.27 -6.22
CA TYR A 41 -35.80 -7.75 -6.73
C TYR A 41 -35.77 -8.07 -8.20
N LYS A 42 -36.57 -9.06 -8.58
CA LYS A 42 -36.99 -9.23 -9.96
C LYS A 42 -38.47 -8.85 -10.01
N LEU A 43 -38.80 -7.90 -10.88
CA LEU A 43 -40.18 -7.45 -11.06
C LEU A 43 -40.64 -7.65 -12.50
N THR A 44 -41.96 -7.71 -12.69
CA THR A 44 -42.56 -7.73 -14.01
C THR A 44 -42.37 -6.36 -14.69
N GLY A 45 -42.59 -6.31 -16.00
CA GLY A 45 -42.63 -5.05 -16.75
C GLY A 45 -43.58 -4.01 -16.15
N ASN A 46 -44.63 -4.45 -15.45
CA ASN A 46 -45.51 -3.50 -14.78
C ASN A 46 -45.33 -3.42 -13.25
N LEU A 47 -44.18 -3.92 -12.78
CA LEU A 47 -43.65 -3.70 -11.43
C LEU A 47 -44.31 -4.50 -10.28
N THR A 48 -44.79 -5.70 -10.61
CA THR A 48 -45.26 -6.70 -9.63
C THR A 48 -44.03 -7.53 -9.25
N ILE A 49 -43.82 -7.72 -7.94
CA ILE A 49 -42.69 -8.54 -7.48
C ILE A 49 -42.84 -9.93 -8.03
N GLN A 50 -41.75 -10.48 -8.53
CA GLN A 50 -41.69 -11.91 -8.86
C GLN A 50 -40.79 -12.59 -7.84
N VAL A 51 -39.61 -12.01 -7.64
CA VAL A 51 -38.63 -12.52 -6.66
C VAL A 51 -38.09 -11.37 -5.81
N ALA A 52 -38.05 -11.56 -4.49
CA ALA A 52 -37.37 -10.65 -3.60
C ALA A 52 -36.24 -11.44 -2.97
N HIS A 53 -35.01 -11.06 -3.28
CA HIS A 53 -33.89 -11.82 -2.80
C HIS A 53 -33.25 -11.05 -1.65
N LYS A 54 -33.15 -11.71 -0.50
CA LYS A 54 -32.63 -11.14 0.73
C LYS A 54 -31.09 -11.09 0.72
N THR A 55 -30.52 -9.90 0.91
CA THR A 55 -29.06 -9.70 0.87
C THR A 55 -28.52 -9.21 2.22
N GLY A 56 -29.43 -8.92 3.13
CA GLY A 56 -29.09 -8.47 4.48
C GLY A 56 -30.36 -8.12 5.22
N PRO A 57 -30.25 -7.48 6.41
CA PRO A 57 -29.01 -7.09 7.10
C PRO A 57 -28.26 -8.26 7.74
N GLU A 58 -26.99 -8.05 8.06
CA GLU A 58 -26.17 -9.06 8.75
C GLU A 58 -25.21 -8.38 9.71
N GLU A 59 -24.85 -9.07 10.78
CA GLU A 59 -23.81 -8.60 11.69
C GLU A 59 -22.49 -8.45 10.94
N ASP A 60 -21.84 -7.30 11.10
CA ASP A 60 -20.58 -7.00 10.41
C ASP A 60 -19.88 -5.82 11.07
N ASN A 61 -18.61 -5.64 10.74
CA ASN A 61 -17.88 -4.43 11.07
C ASN A 61 -16.93 -4.18 9.90
N LYS A 62 -16.92 -2.97 9.37
CA LYS A 62 -16.08 -2.71 8.20
C LYS A 62 -14.59 -2.58 8.51
N ALA A 63 -14.23 -2.79 9.77
CA ALA A 63 -12.83 -2.97 10.14
C ALA A 63 -12.43 -4.45 10.15
N CYS A 64 -13.38 -5.36 9.91
CA CYS A 64 -13.06 -6.78 9.81
C CYS A 64 -12.55 -7.12 8.41
N TYR A 65 -11.24 -7.30 8.29
CA TYR A 65 -10.60 -7.75 7.05
C TYR A 65 -9.58 -8.84 7.40
N PRO A 66 -9.79 -10.07 6.91
CA PRO A 66 -10.89 -10.55 6.05
C PRO A 66 -12.16 -10.87 6.83
N PRO A 67 -13.34 -10.63 6.22
CA PRO A 67 -14.64 -10.61 6.93
C PRO A 67 -15.04 -11.91 7.63
N LEU A 68 -16.00 -11.79 8.55
CA LEU A 68 -16.57 -12.91 9.32
C LEU A 68 -16.74 -14.19 8.52
N ILE A 69 -17.32 -14.04 7.32
CA ILE A 69 -17.64 -15.18 6.46
C ILE A 69 -16.44 -16.12 6.16
N VAL A 70 -15.21 -15.66 6.40
CA VAL A 70 -14.00 -16.50 6.22
C VAL A 70 -13.03 -16.57 7.42
N GLN A 71 -13.17 -15.66 8.36
CA GLN A 71 -12.41 -15.72 9.63
C GLN A 71 -13.30 -15.29 10.79
N PRO A 72 -13.00 -15.78 12.02
CA PRO A 72 -13.58 -15.11 13.17
C PRO A 72 -12.95 -13.72 13.35
N CYS A 73 -13.77 -12.74 13.74
CA CYS A 73 -13.30 -11.37 13.95
C CYS A 73 -13.48 -10.96 15.40
N SER A 74 -12.40 -10.45 16.01
CA SER A 74 -12.42 -10.00 17.40
C SER A 74 -13.17 -8.67 17.58
N GLU A 75 -13.35 -7.95 16.48
CA GLU A 75 -14.05 -6.67 16.50
C GLU A 75 -15.51 -6.79 16.95
N VAL A 76 -16.04 -5.70 17.49
CA VAL A 76 -17.44 -5.61 17.89
C VAL A 76 -18.28 -5.41 16.63
N LEU A 77 -19.28 -6.28 16.45
CA LEU A 77 -20.13 -6.21 15.27
C LEU A 77 -21.50 -5.60 15.57
N THR A 78 -21.98 -4.80 14.60
CA THR A 78 -23.36 -4.30 14.55
C THR A 78 -24.09 -4.97 13.39
N LEU A 79 -25.39 -5.21 13.59
CA LEU A 79 -26.29 -5.59 12.51
C LEU A 79 -26.27 -4.49 11.41
N THR A 80 -25.76 -4.87 10.24
CA THR A 80 -25.39 -3.91 9.19
C THR A 80 -26.19 -4.12 7.91
N ASN A 81 -26.71 -3.03 7.37
CA ASN A 81 -27.41 -3.05 6.08
C ASN A 81 -26.47 -3.29 4.92
N ASN A 82 -26.98 -3.94 3.87
CA ASN A 82 -26.21 -4.22 2.67
C ASN A 82 -26.64 -3.32 1.52
N VAL A 83 -25.90 -2.25 1.29
CA VAL A 83 -26.18 -1.36 0.16
C VAL A 83 -25.82 -2.07 -1.13
N ASN A 84 -26.75 -2.10 -2.09
CA ASN A 84 -26.41 -2.54 -3.44
C ASN A 84 -25.58 -1.48 -4.14
N LYS A 85 -24.41 -1.87 -4.62
CA LYS A 85 -23.43 -0.96 -5.20
C LYS A 85 -23.21 -1.21 -6.68
N LEU A 86 -23.65 -2.38 -7.13
CA LEU A 86 -23.48 -2.81 -8.50
C LEU A 86 -24.56 -3.82 -8.87
N LEU A 87 -25.14 -3.62 -10.05
CA LEU A 87 -26.19 -4.49 -10.56
C LEU A 87 -26.04 -4.56 -12.07
N ILE A 88 -25.50 -5.67 -12.58
CA ILE A 88 -25.27 -5.86 -14.02
C ILE A 88 -25.74 -7.22 -14.53
N ILE A 89 -26.56 -7.21 -15.58
CA ILE A 89 -26.96 -8.44 -16.28
C ILE A 89 -25.80 -8.96 -17.14
N ASP A 90 -25.42 -10.22 -16.91
CA ASP A 90 -24.44 -10.95 -17.72
C ASP A 90 -25.20 -11.69 -18.83
N TYR A 91 -25.50 -10.99 -19.92
CA TYR A 91 -26.45 -11.47 -20.92
C TYR A 91 -26.18 -12.88 -21.47
N SER A 92 -24.96 -13.14 -21.90
CA SER A 92 -24.63 -14.47 -22.45
C SER A 92 -24.80 -15.63 -21.45
N GLU A 93 -24.93 -15.35 -20.17
CA GLU A 93 -24.93 -16.44 -19.18
C GLU A 93 -26.17 -16.58 -18.34
N ASN A 94 -27.25 -15.87 -18.71
CA ASN A 94 -28.53 -15.95 -17.98
C ASN A 94 -28.36 -15.66 -16.48
N ARG A 95 -27.54 -14.66 -16.17
CA ARG A 95 -27.28 -14.29 -14.76
C ARG A 95 -27.02 -12.81 -14.52
N LEU A 96 -27.18 -12.44 -13.25
CA LEU A 96 -27.04 -11.09 -12.78
C LEU A 96 -25.84 -11.06 -11.81
N LEU A 97 -25.00 -10.01 -11.92
CA LEU A 97 -23.96 -9.71 -10.95
C LEU A 97 -24.47 -8.63 -9.98
N ALA A 98 -24.49 -8.97 -8.69
CA ALA A 98 -25.00 -8.07 -7.66
C ALA A 98 -23.94 -7.91 -6.58
N CYS A 99 -23.34 -6.71 -6.49
CA CYS A 99 -22.29 -6.44 -5.50
C CYS A 99 -22.81 -5.51 -4.42
N GLY A 100 -22.59 -5.87 -3.16
CA GLY A 100 -23.07 -5.07 -2.06
C GLY A 100 -21.95 -4.42 -1.28
N SER A 101 -22.28 -3.92 -0.09
CA SER A 101 -21.31 -3.32 0.79
C SER A 101 -20.87 -4.26 1.92
N LEU A 102 -21.67 -5.29 2.20
CA LEU A 102 -21.38 -6.21 3.30
C LEU A 102 -20.12 -7.03 3.06
N TYR A 103 -19.43 -7.37 4.15
CA TYR A 103 -18.25 -8.25 4.12
C TYR A 103 -17.21 -7.79 3.11
N GLN A 104 -16.82 -6.52 3.21
CA GLN A 104 -15.76 -5.95 2.36
C GLN A 104 -16.12 -5.85 0.87
N GLY A 105 -17.42 -5.90 0.57
CA GLY A 105 -17.91 -5.70 -0.79
C GLY A 105 -17.82 -6.95 -1.63
N VAL A 106 -18.22 -8.10 -1.05
CA VAL A 106 -18.38 -9.34 -1.82
C VAL A 106 -19.47 -9.16 -2.88
N CYS A 107 -19.39 -10.00 -3.92
CA CYS A 107 -20.37 -10.07 -5.00
C CYS A 107 -21.05 -11.43 -5.07
N LYS A 108 -22.24 -11.45 -5.64
CA LYS A 108 -23.00 -12.65 -5.89
C LYS A 108 -23.34 -12.72 -7.38
N LEU A 109 -23.34 -13.92 -7.94
CA LEU A 109 -24.01 -14.15 -9.21
C LEU A 109 -25.35 -14.85 -8.96
N LEU A 110 -26.43 -14.26 -9.45
CA LEU A 110 -27.79 -14.78 -9.30
C LEU A 110 -28.39 -15.14 -10.66
N ARG A 111 -29.08 -16.27 -10.72
CA ARG A 111 -29.77 -16.69 -11.94
C ARG A 111 -30.90 -15.69 -12.24
N LEU A 112 -30.99 -15.24 -13.48
CA LEU A 112 -31.96 -14.20 -13.87
C LEU A 112 -33.40 -14.60 -13.56
N ASP A 113 -33.70 -15.89 -13.76
CA ASP A 113 -35.05 -16.45 -13.64
C ASP A 113 -35.65 -16.33 -12.24
N ASP A 114 -34.85 -16.69 -11.25
CA ASP A 114 -35.34 -16.86 -9.88
C ASP A 114 -34.39 -16.27 -8.82
N LEU A 115 -33.31 -15.64 -9.28
CA LEU A 115 -32.28 -15.07 -8.38
C LEU A 115 -31.65 -16.08 -7.42
N PHE A 116 -31.64 -17.35 -7.83
CA PHE A 116 -30.92 -18.41 -7.16
C PHE A 116 -29.41 -18.10 -7.17
N ILE A 117 -28.77 -18.28 -6.01
CA ILE A 117 -27.35 -17.93 -5.86
C ILE A 117 -26.48 -18.96 -6.57
N LEU A 118 -25.89 -18.56 -7.69
CA LEU A 118 -25.01 -19.44 -8.47
C LEU A 118 -23.63 -19.55 -7.81
N VAL A 119 -23.12 -18.44 -7.30
CA VAL A 119 -21.82 -18.38 -6.62
C VAL A 119 -21.70 -17.05 -5.86
N GLU A 120 -20.99 -17.09 -4.73
CA GLU A 120 -20.60 -15.88 -4.00
C GLU A 120 -19.13 -15.99 -3.57
N PRO A 121 -18.22 -15.49 -4.42
CA PRO A 121 -16.78 -15.57 -4.17
C PRO A 121 -16.38 -14.78 -2.93
N SER A 122 -15.55 -15.39 -2.08
CA SER A 122 -15.08 -14.73 -0.87
C SER A 122 -13.93 -15.45 -0.17
N HIS A 123 -13.08 -16.12 -0.93
CA HIS A 123 -11.90 -16.78 -0.34
C HIS A 123 -10.56 -16.19 -0.80
N LYS A 124 -10.58 -15.31 -1.81
CA LYS A 124 -9.37 -14.62 -2.26
C LYS A 124 -9.49 -13.11 -1.97
N LYS A 125 -8.37 -12.41 -1.89
CA LYS A 125 -8.45 -10.97 -1.59
C LYS A 125 -9.20 -10.15 -2.68
N GLU A 126 -9.19 -10.62 -3.92
CA GLU A 126 -9.87 -9.92 -5.03
C GLU A 126 -11.38 -10.13 -5.06
N HIS A 127 -11.89 -11.02 -4.22
CA HIS A 127 -13.32 -11.24 -4.12
C HIS A 127 -14.02 -10.16 -3.31
N TYR A 128 -13.20 -9.33 -2.65
CA TYR A 128 -13.68 -8.19 -1.89
C TYR A 128 -13.41 -6.91 -2.67
N LEU A 129 -14.48 -6.34 -3.22
CA LEU A 129 -14.35 -5.20 -4.15
C LEU A 129 -14.06 -3.88 -3.46
N SER A 130 -14.71 -3.63 -2.32
CA SER A 130 -14.56 -2.37 -1.57
C SER A 130 -15.53 -2.30 -0.40
N SER A 131 -15.02 -1.89 0.75
CA SER A 131 -15.86 -1.74 1.94
C SER A 131 -16.72 -0.47 1.96
N VAL A 132 -16.58 0.37 0.93
CA VAL A 132 -17.42 1.57 0.78
C VAL A 132 -18.91 1.20 0.84
N ASN A 133 -19.72 1.99 1.53
CA ASN A 133 -21.15 1.65 1.70
C ASN A 133 -22.09 2.73 1.14
N LYS A 134 -21.55 3.63 0.32
CA LYS A 134 -22.35 4.63 -0.38
C LYS A 134 -22.52 4.24 -1.84
N THR A 135 -23.69 4.51 -2.41
CA THR A 135 -23.90 4.38 -3.86
C THR A 135 -23.23 5.50 -4.63
N GLY A 136 -23.22 5.40 -5.96
CA GLY A 136 -22.60 6.44 -6.80
C GLY A 136 -21.09 6.38 -6.76
N THR A 137 -20.55 5.24 -6.37
CA THR A 137 -19.11 5.12 -6.19
C THR A 137 -18.48 4.00 -7.01
N MET A 138 -19.32 3.06 -7.46
CA MET A 138 -18.86 1.87 -8.16
C MET A 138 -19.58 1.68 -9.50
N TYR A 139 -18.85 1.24 -10.51
CA TYR A 139 -19.46 0.89 -11.81
C TYR A 139 -18.68 -0.23 -12.46
N GLY A 140 -19.37 -1.07 -13.22
CA GLY A 140 -18.75 -2.18 -13.92
C GLY A 140 -19.17 -2.29 -15.37
N VAL A 141 -18.36 -3.00 -16.16
CA VAL A 141 -18.66 -3.32 -17.56
C VAL A 141 -18.23 -4.75 -17.84
N ILE A 142 -19.16 -5.58 -18.29
CA ILE A 142 -18.83 -6.96 -18.64
C ILE A 142 -18.48 -6.96 -20.13
N VAL A 143 -17.32 -7.54 -20.45
CA VAL A 143 -16.91 -7.71 -21.83
C VAL A 143 -16.84 -9.20 -22.07
N ARG A 144 -17.81 -9.71 -22.81
CA ARG A 144 -17.83 -11.12 -23.12
C ARG A 144 -18.28 -11.31 -24.55
N SER A 145 -17.43 -11.95 -25.36
CA SER A 145 -17.87 -12.44 -26.68
C SER A 145 -18.87 -13.54 -26.38
N GLU A 146 -20.05 -13.45 -27.00
CA GLU A 146 -21.18 -14.31 -26.62
C GLU A 146 -20.83 -15.80 -26.63
N GLY A 147 -21.35 -16.53 -25.64
CA GLY A 147 -21.04 -17.94 -25.47
C GLY A 147 -19.59 -18.29 -25.14
N GLU A 148 -18.80 -17.30 -24.72
CA GLU A 148 -17.38 -17.53 -24.40
C GLU A 148 -17.03 -17.01 -23.00
N ASP A 149 -15.91 -17.48 -22.43
CA ASP A 149 -15.39 -16.92 -21.17
C ASP A 149 -15.09 -15.44 -21.37
N GLY A 150 -15.31 -14.64 -20.32
CA GLY A 150 -15.26 -13.19 -20.46
C GLY A 150 -14.53 -12.45 -19.37
N LYS A 151 -14.79 -11.15 -19.29
CA LYS A 151 -14.12 -10.30 -18.32
C LYS A 151 -15.03 -9.19 -17.82
N LEU A 152 -14.78 -8.79 -16.58
CA LEU A 152 -15.47 -7.69 -15.96
C LEU A 152 -14.46 -6.60 -15.63
N PHE A 153 -14.74 -5.38 -16.10
CA PHE A 153 -14.03 -4.20 -15.68
C PHE A 153 -14.75 -3.60 -14.49
N ILE A 154 -14.02 -3.36 -13.40
CA ILE A 154 -14.67 -2.83 -12.23
C ILE A 154 -13.95 -1.65 -11.59
N GLY A 155 -14.65 -0.53 -11.56
CA GLY A 155 -14.16 0.69 -10.91
C GLY A 155 -14.90 0.94 -9.61
N THR A 156 -14.15 1.32 -8.58
CA THR A 156 -14.76 1.65 -7.30
C THR A 156 -13.99 2.65 -6.45
N ALA A 157 -14.73 3.44 -5.68
CA ALA A 157 -14.20 4.16 -4.52
C ALA A 157 -13.65 3.17 -3.49
N VAL A 158 -12.59 3.58 -2.79
CA VAL A 158 -11.91 2.68 -1.84
C VAL A 158 -11.82 3.22 -0.40
N ASP A 159 -12.31 4.43 -0.19
CA ASP A 159 -12.33 5.08 1.14
C ASP A 159 -11.01 5.02 1.88
N GLY A 160 -9.93 5.35 1.18
CA GLY A 160 -8.61 5.39 1.77
C GLY A 160 -8.01 4.03 2.08
N LYS A 161 -8.72 2.96 1.71
CA LYS A 161 -8.21 1.60 1.93
C LYS A 161 -7.47 1.11 0.69
N GLN A 162 -6.58 1.96 0.17
CA GLN A 162 -5.91 1.67 -1.11
C GLN A 162 -5.05 0.41 -1.11
N ASP A 163 -4.67 -0.04 0.09
CA ASP A 163 -3.91 -1.29 0.27
C ASP A 163 -4.80 -2.51 0.02
N TYR A 164 -6.09 -2.37 0.30
CA TYR A 164 -7.03 -3.50 0.24
C TYR A 164 -7.74 -3.69 -1.11
N PHE A 165 -8.04 -2.59 -1.80
CA PHE A 165 -8.85 -2.63 -3.00
C PHE A 165 -8.27 -1.72 -4.07
N PRO A 166 -8.04 -2.27 -5.27
CA PRO A 166 -7.67 -1.38 -6.36
C PRO A 166 -8.87 -0.49 -6.70
N THR A 167 -8.59 0.69 -7.25
CA THR A 167 -9.66 1.60 -7.69
C THR A 167 -10.31 1.12 -8.98
N LEU A 168 -9.52 0.53 -9.87
CA LEU A 168 -9.99 0.01 -11.16
C LEU A 168 -9.26 -1.29 -11.51
N SER A 169 -10.01 -2.32 -11.93
CA SER A 169 -9.36 -3.59 -12.35
C SER A 169 -10.18 -4.41 -13.34
N SER A 170 -9.52 -5.37 -13.99
CA SER A 170 -10.23 -6.33 -14.83
C SER A 170 -10.11 -7.73 -14.24
N ARG A 171 -11.24 -8.43 -14.28
CA ARG A 171 -11.45 -9.72 -13.63
C ARG A 171 -11.92 -10.78 -14.60
N LYS A 172 -11.59 -12.02 -14.30
CA LYS A 172 -12.13 -13.13 -15.09
C LYS A 172 -13.59 -13.34 -14.71
N LEU A 173 -14.41 -13.51 -15.74
CA LEU A 173 -15.82 -13.84 -15.58
C LEU A 173 -16.08 -15.11 -16.41
N PRO A 174 -15.66 -16.28 -15.88
CA PRO A 174 -15.79 -17.54 -16.62
C PRO A 174 -17.25 -17.93 -16.83
N ARG A 175 -17.53 -18.68 -17.89
CA ARG A 175 -18.88 -19.16 -18.17
C ARG A 175 -19.40 -20.02 -17.01
N ASP A 176 -18.54 -20.88 -16.50
CA ASP A 176 -18.87 -21.76 -15.39
C ASP A 176 -18.88 -20.97 -14.09
N PRO A 177 -20.07 -20.88 -13.42
CA PRO A 177 -20.20 -20.16 -12.16
C PRO A 177 -19.33 -20.77 -11.05
N GLU A 178 -18.92 -22.01 -11.23
CA GLU A 178 -18.12 -22.68 -10.20
C GLU A 178 -16.63 -22.81 -10.56
N SER A 179 -16.18 -22.05 -11.55
CA SER A 179 -14.75 -21.93 -11.83
C SER A 179 -13.98 -21.45 -10.59
N SER A 180 -12.82 -22.04 -10.34
CA SER A 180 -11.97 -21.59 -9.23
C SER A 180 -11.35 -20.21 -9.52
N ALA A 181 -11.46 -19.76 -10.78
CA ALA A 181 -10.87 -18.49 -11.25
C ALA A 181 -11.91 -17.36 -11.34
N MET A 182 -13.11 -17.60 -10.80
CA MET A 182 -14.19 -16.61 -10.75
C MET A 182 -13.78 -15.32 -10.02
N LEU A 183 -13.81 -14.20 -10.74
CA LEU A 183 -13.43 -12.87 -10.24
C LEU A 183 -11.96 -12.68 -9.86
N ASP A 184 -11.10 -13.63 -10.20
CA ASP A 184 -9.65 -13.44 -10.10
C ASP A 184 -9.24 -12.30 -11.03
N TYR A 185 -8.13 -11.62 -10.72
CA TYR A 185 -7.56 -10.67 -11.64
C TYR A 185 -7.30 -11.37 -12.96
N GLU A 186 -7.64 -10.70 -14.05
CA GLU A 186 -7.26 -11.13 -15.37
C GLU A 186 -5.73 -11.39 -15.49
N LEU A 187 -4.93 -10.47 -15.00
CA LEU A 187 -3.48 -10.68 -14.90
C LEU A 187 -2.98 -10.23 -13.53
N HIS A 188 -2.23 -11.10 -12.85
CA HIS A 188 -1.68 -10.78 -11.54
C HIS A 188 -0.26 -11.35 -11.43
N SER A 189 0.73 -10.46 -11.45
CA SER A 189 2.14 -10.84 -11.35
C SER A 189 2.93 -9.79 -10.54
N ASP A 190 4.21 -10.06 -10.30
CA ASP A 190 5.03 -9.13 -9.52
C ASP A 190 4.96 -7.67 -9.98
N PHE A 191 5.16 -7.44 -11.27
CA PHE A 191 5.36 -6.07 -11.76
C PHE A 191 4.32 -5.56 -12.75
N VAL A 192 3.43 -6.46 -13.20
CA VAL A 192 2.34 -6.09 -14.11
C VAL A 192 1.07 -6.82 -13.70
N SER A 193 0.02 -6.07 -13.51
CA SER A 193 -1.25 -6.65 -13.11
C SER A 193 -2.38 -5.85 -13.78
N SER A 194 -3.56 -6.48 -13.88
CA SER A 194 -4.72 -5.88 -14.52
C SER A 194 -5.54 -5.05 -13.52
N LEU A 195 -4.86 -4.07 -12.92
CA LEU A 195 -5.41 -3.24 -11.86
C LEU A 195 -4.68 -1.90 -11.77
N ILE A 196 -5.36 -0.91 -11.19
CA ILE A 196 -4.75 0.36 -10.74
C ILE A 196 -5.03 0.54 -9.24
N LYS A 197 -3.96 0.79 -8.46
CA LYS A 197 -4.07 1.23 -7.04
C LYS A 197 -3.86 2.74 -6.89
N ILE A 198 -4.59 3.34 -5.96
CA ILE A 198 -4.36 4.73 -5.58
C ILE A 198 -3.09 4.74 -4.72
N PRO A 199 -2.05 5.52 -5.14
CA PRO A 199 -0.82 5.60 -4.37
C PRO A 199 -1.06 6.17 -2.98
N SER A 200 -0.32 5.67 -1.99
CA SER A 200 -0.40 6.20 -0.64
C SER A 200 0.00 7.69 -0.55
N ASP A 201 0.96 8.09 -1.38
CA ASP A 201 1.45 9.48 -1.41
C ASP A 201 0.34 10.48 -1.72
N THR A 202 -0.56 10.11 -2.63
CA THR A 202 -1.71 10.94 -3.01
C THR A 202 -2.67 11.14 -1.83
N LEU A 203 -2.87 10.10 -1.03
CA LEU A 203 -3.71 10.20 0.17
C LEU A 203 -3.06 11.05 1.29
N ALA A 204 -1.75 10.94 1.44
CA ALA A 204 -1.01 11.81 2.36
C ALA A 204 -1.15 13.26 1.93
N LEU A 205 -1.19 13.48 0.62
CA LEU A 205 -1.32 14.82 0.10
C LEU A 205 -2.76 15.36 0.23
N VAL A 206 -3.74 14.52 -0.10
CA VAL A 206 -5.14 14.89 -0.07
C VAL A 206 -5.85 13.77 0.70
N SER A 207 -6.20 14.01 1.96
CA SER A 207 -6.65 12.92 2.85
C SER A 207 -8.10 12.50 2.62
N HIS A 208 -8.84 13.33 1.90
CA HIS A 208 -10.19 12.98 1.48
C HIS A 208 -10.20 12.34 0.08
N PHE A 209 -9.01 12.00 -0.44
CA PHE A 209 -8.91 11.50 -1.81
C PHE A 209 -9.59 10.15 -2.00
N ASP A 210 -10.35 10.06 -3.09
CA ASP A 210 -11.05 8.84 -3.49
C ASP A 210 -11.59 9.11 -4.88
N ILE A 211 -11.90 8.06 -5.63
CA ILE A 211 -12.37 8.19 -7.00
C ILE A 211 -13.74 7.56 -7.11
N PHE A 212 -14.71 8.34 -7.57
CA PHE A 212 -16.09 7.86 -7.71
C PHE A 212 -16.38 7.52 -9.16
N TYR A 213 -16.86 6.29 -9.38
CA TYR A 213 -17.14 5.81 -10.72
C TYR A 213 -18.64 5.90 -10.95
N ILE A 214 -18.99 6.84 -11.82
CA ILE A 214 -20.38 7.30 -11.99
C ILE A 214 -21.09 6.46 -13.05
N TYR A 215 -20.33 6.08 -14.09
CA TYR A 215 -20.86 5.38 -15.22
C TYR A 215 -19.69 4.70 -15.95
N GLY A 216 -20.03 3.76 -16.83
CA GLY A 216 -19.05 3.11 -17.67
C GLY A 216 -19.79 2.41 -18.79
N PHE A 217 -19.10 2.17 -19.90
CA PHE A 217 -19.71 1.57 -21.08
C PHE A 217 -18.63 1.00 -21.99
N ALA A 218 -19.02 0.04 -22.81
CA ALA A 218 -18.17 -0.40 -23.91
C ALA A 218 -18.63 0.30 -25.18
N SER A 219 -17.68 0.64 -26.04
CA SER A 219 -17.97 1.13 -27.36
C SER A 219 -16.75 0.85 -28.21
N GLY A 220 -16.92 0.04 -29.26
CA GLY A 220 -15.86 -0.32 -30.18
C GLY A 220 -14.82 -1.20 -29.48
N GLY A 221 -13.53 -0.88 -29.66
CA GLY A 221 -12.47 -1.71 -29.07
C GLY A 221 -12.16 -1.39 -27.62
N PHE A 222 -12.97 -0.55 -27.00
CA PHE A 222 -12.58 0.10 -25.75
C PHE A 222 -13.68 0.04 -24.70
N VAL A 223 -13.27 0.18 -23.45
CA VAL A 223 -14.18 0.40 -22.33
C VAL A 223 -13.85 1.75 -21.74
N TYR A 224 -14.89 2.39 -21.19
CA TYR A 224 -14.83 3.78 -20.74
C TYR A 224 -15.44 3.85 -19.37
N PHE A 225 -14.81 4.63 -18.49
CA PHE A 225 -15.30 4.87 -17.15
C PHE A 225 -15.32 6.35 -16.92
N LEU A 226 -16.39 6.81 -16.28
CA LEU A 226 -16.57 8.21 -16.02
C LEU A 226 -16.47 8.42 -14.52
N THR A 227 -15.50 9.26 -14.14
CA THR A 227 -15.08 9.42 -12.75
C THR A 227 -15.15 10.86 -12.27
N VAL A 228 -15.32 11.01 -10.96
CA VAL A 228 -15.13 12.29 -10.26
C VAL A 228 -14.16 12.04 -9.10
N GLN A 229 -13.21 12.96 -8.90
CA GLN A 229 -12.25 12.87 -7.77
C GLN A 229 -11.74 14.26 -7.36
N PRO A 230 -11.19 14.39 -6.12
CA PRO A 230 -10.61 15.69 -5.78
C PRO A 230 -9.36 15.96 -6.63
N GLU A 231 -9.10 17.23 -6.95
CA GLU A 231 -7.88 17.58 -7.68
C GLU A 231 -6.65 17.44 -6.78
N THR A 232 -5.50 17.30 -7.43
CA THR A 232 -4.21 17.14 -6.76
C THR A 232 -3.39 18.44 -6.93
N PRO A 233 -2.74 18.92 -5.84
CA PRO A 233 -1.91 20.14 -5.89
C PRO A 233 -0.82 20.08 -6.95
N LEU A 244 -11.31 23.18 -2.10
CA LEU A 244 -11.46 21.81 -2.60
C LEU A 244 -12.00 21.74 -4.03
N PHE A 245 -11.12 21.41 -4.95
CA PHE A 245 -11.47 21.35 -6.36
C PHE A 245 -11.60 19.89 -6.79
N TYR A 246 -12.49 19.65 -7.75
CA TYR A 246 -12.77 18.30 -8.24
C TYR A 246 -12.57 18.23 -9.75
N THR A 247 -12.09 17.07 -10.24
CA THR A 247 -11.97 16.79 -11.67
C THR A 247 -12.88 15.62 -12.11
N SER A 248 -13.63 15.85 -13.18
CA SER A 248 -14.40 14.80 -13.85
C SER A 248 -13.62 14.33 -15.06
N ARG A 249 -13.50 13.01 -15.21
CA ARG A 249 -12.64 12.45 -16.22
C ARG A 249 -13.27 11.29 -17.00
N ILE A 250 -12.82 11.15 -18.24
CA ILE A 250 -13.06 9.94 -19.01
C ILE A 250 -11.80 9.07 -18.91
N VAL A 251 -11.97 7.85 -18.43
CA VAL A 251 -10.88 6.89 -18.33
C VAL A 251 -11.16 5.82 -19.39
N ARG A 252 -10.19 5.55 -20.26
CA ARG A 252 -10.37 4.57 -21.34
C ARG A 252 -9.36 3.45 -21.30
N LEU A 253 -9.83 2.22 -21.51
CA LEU A 253 -8.96 1.05 -21.68
C LEU A 253 -9.32 0.28 -22.94
N CYS A 254 -8.33 -0.37 -23.54
CA CYS A 254 -8.59 -1.35 -24.60
C CYS A 254 -9.22 -2.56 -23.98
N LYS A 255 -10.16 -3.18 -24.70
CA LYS A 255 -10.83 -4.39 -24.20
C LYS A 255 -9.87 -5.54 -24.00
N ASP A 256 -8.85 -5.59 -24.85
CA ASP A 256 -7.75 -6.57 -24.75
C ASP A 256 -6.45 -5.88 -24.33
N ASP A 257 -6.28 -5.72 -23.03
CA ASP A 257 -5.06 -5.13 -22.49
C ASP A 257 -4.94 -5.47 -21.00
N PRO A 258 -4.60 -6.72 -20.67
CA PRO A 258 -4.52 -7.13 -19.26
C PRO A 258 -3.41 -6.43 -18.50
N LYS A 259 -2.47 -5.83 -19.24
CA LYS A 259 -1.37 -5.08 -18.63
C LYS A 259 -1.74 -3.64 -18.26
N PHE A 260 -2.90 -3.19 -18.74
CA PHE A 260 -3.44 -1.86 -18.42
C PHE A 260 -2.54 -0.73 -18.95
N HIS A 261 -1.74 -1.05 -19.97
CA HIS A 261 -0.90 -0.07 -20.65
C HIS A 261 -1.68 0.89 -21.55
N SER A 262 -2.94 0.57 -21.80
CA SER A 262 -3.81 1.45 -22.58
C SER A 262 -4.49 2.55 -21.75
N TYR A 263 -4.28 2.53 -20.44
CA TYR A 263 -4.95 3.49 -19.55
C TYR A 263 -4.69 4.94 -19.98
N VAL A 264 -5.78 5.63 -20.31
CA VAL A 264 -5.70 7.06 -20.64
C VAL A 264 -6.86 7.79 -19.94
N SER A 265 -6.52 8.88 -19.27
CA SER A 265 -7.49 9.64 -18.51
C SER A 265 -7.46 11.12 -18.86
N LEU A 266 -8.60 11.64 -19.33
CA LEU A 266 -8.71 13.06 -19.70
C LEU A 266 -9.87 13.70 -18.93
N PRO A 267 -9.70 14.97 -18.52
CA PRO A 267 -10.83 15.68 -17.94
C PRO A 267 -11.90 15.95 -19.00
N PHE A 268 -13.15 16.05 -18.56
CA PHE A 268 -14.25 16.40 -19.45
C PHE A 268 -15.30 17.24 -18.73
N GLY A 269 -16.13 17.91 -19.51
CA GLY A 269 -17.12 18.83 -18.99
C GLY A 269 -17.70 19.55 -20.19
N CYS A 270 -18.59 20.51 -19.96
CA CYS A 270 -19.07 21.34 -21.07
C CYS A 270 -19.29 22.79 -20.61
N THR A 271 -19.49 23.69 -21.57
CA THR A 271 -19.68 25.09 -21.22
C THR A 271 -20.79 25.70 -22.07
N ARG A 272 -21.39 26.77 -21.58
CA ARG A 272 -22.37 27.53 -22.35
C ARG A 272 -22.47 28.95 -21.80
N ALA A 273 -22.35 29.91 -22.71
CA ALA A 273 -22.70 31.29 -22.42
C ALA A 273 -21.99 31.78 -21.17
N GLY A 274 -20.69 31.53 -21.11
CA GLY A 274 -19.84 32.00 -20.02
C GLY A 274 -19.80 31.09 -18.80
N VAL A 275 -20.66 30.10 -18.76
CA VAL A 275 -20.70 29.18 -17.61
C VAL A 275 -19.96 27.88 -17.90
N GLU A 276 -19.18 27.39 -16.94
CA GLU A 276 -18.56 26.06 -17.06
C GLU A 276 -19.27 25.00 -16.19
N TYR A 277 -19.47 23.80 -16.74
CA TYR A 277 -20.10 22.71 -15.94
C TYR A 277 -19.13 21.51 -15.92
N ARG A 278 -18.46 21.29 -14.79
CA ARG A 278 -17.40 20.27 -14.77
C ARG A 278 -17.48 19.28 -13.61
N LEU A 279 -18.62 19.25 -12.94
CA LEU A 279 -18.92 18.25 -11.92
C LEU A 279 -19.90 17.22 -12.47
N LEU A 280 -19.40 16.06 -12.89
CA LEU A 280 -20.26 15.03 -13.47
C LEU A 280 -21.32 14.46 -12.51
N GLN A 281 -22.57 14.43 -12.98
CA GLN A 281 -23.68 13.87 -12.17
C GLN A 281 -24.29 12.56 -12.68
N ALA A 282 -24.29 12.37 -13.99
CA ALA A 282 -25.01 11.27 -14.64
C ALA A 282 -24.59 11.12 -16.10
N ALA A 283 -24.75 9.92 -16.65
CA ALA A 283 -24.48 9.69 -18.07
C ALA A 283 -25.29 8.52 -18.61
N TYR A 284 -25.42 8.48 -19.93
CA TYR A 284 -26.14 7.41 -20.58
C TYR A 284 -25.64 7.44 -22.00
N LEU A 285 -25.21 6.28 -22.50
CA LEU A 285 -24.80 6.10 -23.89
C LEU A 285 -26.02 5.76 -24.79
N ALA A 286 -26.10 6.42 -25.94
CA ALA A 286 -27.19 6.19 -26.91
C ALA A 286 -26.77 6.59 -28.32
N LYS A 287 -27.63 6.28 -29.29
CA LYS A 287 -27.43 6.72 -30.69
C LYS A 287 -28.02 8.11 -30.87
N PRO A 288 -27.44 8.92 -31.76
CA PRO A 288 -28.02 10.22 -32.02
C PRO A 288 -29.13 10.21 -33.08
N GLY A 289 -30.09 11.12 -32.95
CA GLY A 289 -31.03 11.40 -34.04
C GLY A 289 -30.34 12.25 -35.10
N GLU A 290 -31.10 12.68 -36.11
CA GLU A 290 -30.49 13.34 -37.27
C GLU A 290 -29.87 14.73 -37.00
N ALA A 291 -30.60 15.61 -36.33
CA ALA A 291 -30.08 16.95 -36.06
C ALA A 291 -28.79 16.87 -35.24
N LEU A 292 -28.78 16.00 -34.23
CA LEU A 292 -27.61 15.81 -33.38
C LEU A 292 -26.43 15.18 -34.14
N ALA A 293 -26.70 14.11 -34.90
CA ALA A 293 -25.69 13.50 -35.78
C ALA A 293 -25.15 14.44 -36.86
N GLN A 294 -26.00 15.30 -37.44
CA GLN A 294 -25.52 16.36 -38.37
C GLN A 294 -24.61 17.35 -37.63
N ALA A 295 -25.00 17.74 -36.43
CA ALA A 295 -24.20 18.63 -35.61
C ALA A 295 -22.80 18.08 -35.26
N PHE A 296 -22.69 16.78 -35.05
CA PHE A 296 -21.39 16.20 -34.77
C PHE A 296 -20.64 15.79 -36.02
N ASN A 297 -21.31 15.85 -37.17
CA ASN A 297 -20.76 15.30 -38.41
C ASN A 297 -20.39 13.81 -38.27
N ILE A 298 -21.29 13.04 -37.69
CA ILE A 298 -21.14 11.60 -37.57
C ILE A 298 -22.36 10.90 -38.15
N SER A 299 -22.26 9.59 -38.22
CA SER A 299 -23.35 8.74 -38.64
C SER A 299 -24.33 8.48 -37.47
N SER A 300 -25.58 8.22 -37.80
CA SER A 300 -26.57 7.96 -36.77
C SER A 300 -26.32 6.58 -36.14
N ASP A 301 -25.47 5.80 -36.78
CA ASP A 301 -25.06 4.50 -36.26
C ASP A 301 -24.01 4.59 -35.14
N GLU A 302 -23.41 5.77 -34.95
CA GLU A 302 -22.31 5.92 -33.98
C GLU A 302 -22.80 6.25 -32.59
N ASP A 303 -22.01 5.87 -31.59
CA ASP A 303 -22.37 6.13 -30.18
C ASP A 303 -22.14 7.56 -29.72
N VAL A 304 -23.09 8.08 -28.95
CA VAL A 304 -22.96 9.39 -28.32
C VAL A 304 -23.21 9.27 -26.84
N LEU A 305 -22.31 9.85 -26.04
CA LEU A 305 -22.49 9.87 -24.60
C LEU A 305 -23.26 11.13 -24.18
N PHE A 306 -24.40 10.95 -23.51
CA PHE A 306 -25.15 12.05 -22.90
C PHE A 306 -24.77 12.17 -21.44
N ALA A 307 -24.57 13.40 -20.98
CA ALA A 307 -24.03 13.65 -19.66
C ALA A 307 -24.71 14.83 -19.00
N ILE A 308 -24.89 14.70 -17.69
CA ILE A 308 -25.28 15.77 -16.80
C ILE A 308 -24.07 16.23 -15.97
N PHE A 309 -23.80 17.53 -15.99
CA PHE A 309 -22.74 18.13 -15.21
C PHE A 309 -23.32 19.25 -14.32
N SER A 310 -22.87 19.32 -13.07
CA SER A 310 -23.16 20.51 -12.25
C SER A 310 -22.17 21.63 -12.57
N LYS A 311 -22.56 22.85 -12.24
CA LYS A 311 -21.75 24.04 -12.50
C LYS A 311 -20.44 24.01 -11.71
N GLY A 312 -19.39 24.53 -12.33
CA GLY A 312 -18.11 24.73 -11.67
C GLY A 312 -17.33 23.46 -11.38
N GLN A 313 -16.39 23.56 -10.45
CA GLN A 313 -15.46 22.47 -10.16
C GLN A 313 -15.34 22.24 -8.67
N LYS A 314 -16.21 22.85 -7.88
CA LYS A 314 -16.05 22.80 -6.43
C LYS A 314 -17.30 22.35 -5.71
N GLN A 315 -17.12 21.98 -4.43
CA GLN A 315 -18.21 21.51 -3.60
C GLN A 315 -19.03 20.42 -4.31
N TYR A 316 -18.35 19.33 -4.64
CA TYR A 316 -18.99 18.19 -5.32
C TYR A 316 -20.12 17.58 -4.49
N HIS A 317 -19.94 17.50 -3.17
CA HIS A 317 -20.93 16.86 -2.29
C HIS A 317 -22.19 17.69 -1.96
N HIS A 318 -22.07 19.01 -2.05
CA HIS A 318 -23.23 19.88 -2.01
C HIS A 318 -23.14 20.78 -3.23
N PRO A 319 -23.68 20.31 -4.35
CA PRO A 319 -23.51 21.05 -5.61
C PRO A 319 -24.55 22.14 -5.81
N PRO A 320 -24.19 23.20 -6.56
CA PRO A 320 -25.15 24.19 -7.05
C PRO A 320 -26.31 23.52 -7.81
N ASP A 321 -27.49 24.15 -7.80
CA ASP A 321 -28.60 23.74 -8.67
C ASP A 321 -28.28 23.91 -10.16
N ASP A 322 -27.42 24.88 -10.48
CA ASP A 322 -27.03 25.13 -11.87
C ASP A 322 -26.40 23.90 -12.53
N SER A 323 -27.04 23.40 -13.59
CA SER A 323 -26.55 22.19 -14.29
C SER A 323 -26.82 22.17 -15.79
N ALA A 324 -26.09 21.28 -16.48
CA ALA A 324 -26.15 21.20 -17.94
C ALA A 324 -26.27 19.77 -18.43
N LEU A 325 -27.00 19.61 -19.53
CA LEU A 325 -26.93 18.44 -20.35
C LEU A 325 -26.05 18.71 -21.55
N CYS A 326 -25.09 17.83 -21.76
CA CYS A 326 -24.25 17.88 -22.95
C CYS A 326 -23.98 16.50 -23.56
N ALA A 327 -23.47 16.51 -24.79
CA ALA A 327 -23.27 15.30 -25.56
C ALA A 327 -21.84 15.22 -26.12
N PHE A 328 -21.29 14.01 -26.13
CA PHE A 328 -19.93 13.74 -26.60
C PHE A 328 -20.03 12.56 -27.54
N PRO A 329 -19.73 12.77 -28.84
CA PRO A 329 -19.61 11.63 -29.72
C PRO A 329 -18.43 10.82 -29.25
N ILE A 330 -18.59 9.50 -29.22
CA ILE A 330 -17.44 8.64 -28.87
C ILE A 330 -16.29 8.86 -29.86
N ARG A 331 -16.61 9.05 -31.15
CA ARG A 331 -15.58 9.29 -32.19
C ARG A 331 -14.66 10.47 -31.82
N ALA A 332 -15.25 11.55 -31.33
CA ALA A 332 -14.48 12.73 -30.93
C ALA A 332 -13.63 12.49 -29.65
N ILE A 333 -14.19 11.74 -28.69
CA ILE A 333 -13.44 11.34 -27.49
C ILE A 333 -12.18 10.56 -27.90
N ASN A 334 -12.36 9.57 -28.79
CA ASN A 334 -11.25 8.76 -29.26
C ASN A 334 -10.26 9.61 -30.09
N LEU A 335 -10.74 10.57 -30.88
CA LEU A 335 -9.83 11.44 -31.64
C LEU A 335 -8.92 12.27 -30.72
N GLN A 336 -9.51 12.90 -29.71
CA GLN A 336 -8.73 13.69 -28.76
C GLN A 336 -7.70 12.84 -27.99
N ILE A 337 -8.08 11.60 -27.67
CA ILE A 337 -7.16 10.66 -27.05
C ILE A 337 -6.02 10.31 -28.02
N LYS A 338 -6.35 10.06 -29.26
CA LYS A 338 -5.35 9.75 -30.29
C LYS A 338 -4.34 10.91 -30.42
N GLU A 339 -4.86 12.13 -30.50
CA GLU A 339 -4.03 13.35 -30.56
C GLU A 339 -3.13 13.49 -29.34
N ARG A 340 -3.70 13.25 -28.17
CA ARG A 340 -2.94 13.17 -26.94
C ARG A 340 -1.80 12.15 -27.00
N LEU A 341 -2.08 10.94 -27.49
CA LEU A 341 -1.10 9.86 -27.57
C LEU A 341 0.00 10.17 -28.59
N GLN A 342 -0.38 10.76 -29.72
CA GLN A 342 0.60 11.14 -30.75
C GLN A 342 1.55 12.26 -30.26
N SER A 343 0.98 13.26 -29.59
CA SER A 343 1.74 14.35 -28.99
C SER A 343 2.76 13.80 -27.98
N CYS A 344 2.29 12.93 -27.09
CA CYS A 344 3.15 12.34 -26.09
C CYS A 344 4.26 11.49 -26.72
N TYR A 345 3.91 10.72 -27.75
CA TYR A 345 4.89 9.88 -28.45
C TYR A 345 5.85 10.66 -29.36
N HIS A 346 5.55 11.95 -29.56
CA HIS A 346 6.47 12.89 -30.21
C HIS A 346 7.38 13.57 -29.16
N GLY A 347 7.18 13.24 -27.89
CA GLY A 347 7.99 13.83 -26.82
C GLY A 347 7.52 15.18 -26.30
N GLU A 348 6.32 15.60 -26.68
CA GLU A 348 5.76 16.87 -26.20
C GLU A 348 5.09 16.74 -24.83
N GLY A 349 5.39 17.70 -23.96
CA GLY A 349 4.79 17.78 -22.63
C GLY A 349 5.07 16.60 -21.73
N ASN A 350 4.17 16.41 -20.78
CA ASN A 350 4.30 15.45 -19.72
C ASN A 350 3.06 14.57 -19.70
N LEU A 351 3.14 13.48 -18.96
CA LEU A 351 2.00 12.56 -18.86
C LEU A 351 0.79 13.20 -18.18
N GLU A 352 1.02 14.05 -17.19
CA GLU A 352 -0.01 14.85 -16.51
C GLU A 352 -1.13 14.01 -15.88
N LEU A 353 -0.71 13.08 -15.03
CA LEU A 353 -1.66 12.34 -14.22
C LEU A 353 -1.09 12.23 -12.82
N ASN A 354 -1.08 13.38 -12.12
CA ASN A 354 -0.41 13.53 -10.84
C ASN A 354 -0.89 12.58 -9.74
N TRP A 355 -2.21 12.32 -9.68
CA TRP A 355 -2.75 11.44 -8.63
C TRP A 355 -2.18 10.02 -8.68
N LEU A 356 -1.88 9.55 -9.87
CA LEU A 356 -1.42 8.19 -10.06
C LEU A 356 0.08 8.08 -10.23
N LEU A 357 0.67 9.03 -10.94
CA LEU A 357 2.11 9.02 -11.20
C LEU A 357 2.90 9.64 -10.05
N GLY A 358 2.21 10.43 -9.23
CA GLY A 358 2.78 11.02 -8.02
C GLY A 358 3.73 12.19 -8.22
N LYS A 359 3.95 12.58 -9.47
CA LYS A 359 4.94 13.60 -9.84
C LYS A 359 4.90 13.89 -11.36
N ASP A 360 5.67 14.90 -11.77
CA ASP A 360 5.89 15.25 -13.17
C ASP A 360 6.62 14.17 -13.93
N VAL A 361 6.05 13.71 -15.04
CA VAL A 361 6.68 12.69 -15.86
C VAL A 361 6.66 13.11 -17.32
N GLN A 362 7.85 13.29 -17.87
CA GLN A 362 8.02 13.73 -19.25
C GLN A 362 7.59 12.67 -20.25
N CYS A 363 6.97 13.13 -21.34
CA CYS A 363 6.65 12.25 -22.45
C CYS A 363 7.90 11.79 -23.22
N THR A 364 7.99 10.48 -23.44
CA THR A 364 9.09 9.85 -24.16
C THR A 364 8.77 9.67 -25.65
N LYS A 365 9.51 10.38 -26.49
CA LYS A 365 9.41 10.23 -27.94
C LYS A 365 9.90 8.81 -28.30
N ALA A 366 9.15 8.13 -29.17
CA ALA A 366 9.52 6.82 -29.75
C ALA A 366 8.90 6.67 -31.15
N PRO A 367 9.60 5.97 -32.07
CA PRO A 367 9.13 5.89 -33.46
C PRO A 367 8.03 4.83 -33.66
N VAL A 368 6.85 5.10 -33.11
CA VAL A 368 5.78 4.12 -32.99
C VAL A 368 4.52 4.67 -33.67
N PRO A 369 3.96 3.94 -34.64
CA PRO A 369 2.72 4.44 -35.26
C PRO A 369 1.61 4.51 -34.22
N ILE A 370 0.88 5.62 -34.19
CA ILE A 370 -0.29 5.75 -33.31
C ILE A 370 -1.56 5.81 -34.16
N ASP A 371 -2.21 4.67 -34.30
CA ASP A 371 -3.42 4.59 -35.11
C ASP A 371 -4.61 4.59 -34.15
N ASP A 372 -5.82 4.44 -34.67
CA ASP A 372 -7.03 4.39 -33.85
C ASP A 372 -7.02 3.23 -32.85
N ASN A 373 -6.42 2.11 -33.25
CA ASN A 373 -6.38 0.90 -32.43
C ASN A 373 -5.20 0.82 -31.47
N PHE A 374 -4.53 1.94 -31.22
CA PHE A 374 -3.36 1.92 -30.33
C PHE A 374 -3.74 1.56 -28.89
N CYS A 375 -3.01 0.61 -28.29
CA CYS A 375 -3.29 0.14 -26.94
C CYS A 375 -2.10 0.21 -26.00
N GLY A 376 -1.20 1.16 -26.27
CA GLY A 376 -0.16 1.49 -25.32
C GLY A 376 0.96 0.47 -25.29
N LEU A 377 2.11 0.90 -24.78
CA LEU A 377 3.29 0.07 -24.58
C LEU A 377 3.75 0.38 -23.16
N ASP A 378 4.88 -0.15 -22.74
CA ASP A 378 5.35 0.08 -21.36
C ASP A 378 5.80 1.53 -21.05
N ILE A 379 6.06 2.30 -22.10
CA ILE A 379 6.40 3.72 -21.93
C ILE A 379 5.15 4.60 -22.04
N ASN A 380 5.25 5.83 -21.52
CA ASN A 380 4.21 6.87 -21.64
C ASN A 380 2.85 6.46 -21.08
N GLN A 381 2.84 5.61 -20.06
CA GLN A 381 1.59 5.18 -19.45
C GLN A 381 1.79 5.02 -17.94
N PRO A 382 0.73 5.18 -17.14
CA PRO A 382 -0.61 5.61 -17.54
C PRO A 382 -0.56 7.04 -18.03
N LEU A 383 -1.47 7.36 -18.95
CA LEU A 383 -1.49 8.63 -19.62
C LEU A 383 -2.65 9.44 -19.07
N GLY A 384 -2.39 10.73 -18.84
CA GLY A 384 -3.42 11.67 -18.44
C GLY A 384 -3.44 12.84 -19.39
N GLY A 385 -3.66 14.02 -18.84
CA GLY A 385 -3.77 15.23 -19.63
C GLY A 385 -4.55 16.24 -18.80
N SER A 386 -4.45 17.51 -19.18
CA SER A 386 -5.12 18.56 -18.42
C SER A 386 -6.05 19.43 -19.26
N THR A 387 -5.99 19.33 -20.59
CA THR A 387 -7.00 20.00 -21.45
C THR A 387 -8.31 19.17 -21.50
N PRO A 388 -9.45 19.77 -21.08
CA PRO A 388 -10.66 18.98 -21.01
C PRO A 388 -11.21 18.63 -22.38
N VAL A 389 -11.93 17.50 -22.41
CA VAL A 389 -12.79 17.15 -23.53
C VAL A 389 -14.07 17.95 -23.32
N GLU A 390 -14.45 18.70 -24.33
CA GLU A 390 -15.57 19.64 -24.22
C GLU A 390 -16.72 19.05 -24.99
N GLY A 391 -17.88 18.93 -24.33
CA GLY A 391 -19.04 18.36 -24.99
C GLY A 391 -19.91 19.44 -25.59
N LEU A 392 -20.93 19.01 -26.33
CA LEU A 392 -21.90 19.96 -26.86
C LEU A 392 -23.06 20.15 -25.89
N THR A 393 -23.17 21.35 -25.34
CA THR A 393 -24.23 21.63 -24.36
C THR A 393 -25.58 21.72 -25.09
N LEU A 394 -26.58 21.06 -24.53
CA LEU A 394 -27.90 20.95 -25.17
C LEU A 394 -28.95 21.68 -24.38
N TYR A 395 -28.73 21.75 -23.06
CA TYR A 395 -29.70 22.31 -22.15
C TYR A 395 -29.03 22.71 -20.83
N THR A 396 -29.44 23.86 -20.28
CA THR A 396 -29.00 24.35 -18.96
C THR A 396 -30.21 24.80 -18.12
N THR A 397 -30.06 24.66 -16.82
CA THR A 397 -31.01 25.19 -15.87
C THR A 397 -30.26 25.67 -14.64
N SER A 398 -30.90 26.56 -13.86
CA SER A 398 -30.33 27.04 -12.62
C SER A 398 -31.36 26.95 -11.50
N ARG A 399 -32.51 26.38 -11.84
CA ARG A 399 -33.67 26.43 -10.97
C ARG A 399 -33.90 25.14 -10.18
N ASP A 400 -33.41 24.02 -10.72
CA ASP A 400 -33.67 22.70 -10.16
C ASP A 400 -32.63 21.71 -10.69
N ARG A 401 -31.85 21.12 -9.81
CA ARG A 401 -30.68 20.37 -10.24
C ARG A 401 -31.01 19.10 -11.03
N LEU A 402 -30.34 18.94 -12.17
CA LEU A 402 -30.48 17.73 -13.00
C LEU A 402 -29.69 16.56 -12.42
N THR A 403 -30.32 15.38 -12.34
CA THR A 403 -29.78 14.24 -11.55
C THR A 403 -29.60 12.94 -12.34
N SER A 404 -30.28 12.82 -13.48
CA SER A 404 -30.24 11.60 -14.25
C SER A 404 -30.49 11.87 -15.72
N VAL A 405 -30.14 10.90 -16.55
CA VAL A 405 -30.31 11.05 -17.98
C VAL A 405 -30.52 9.70 -18.68
N ALA A 406 -31.46 9.69 -19.62
CA ALA A 406 -31.60 8.60 -20.57
C ALA A 406 -32.00 9.22 -21.92
N SER A 407 -31.66 8.55 -23.02
CA SER A 407 -31.97 9.09 -24.34
C SER A 407 -32.27 7.97 -25.33
N TYR A 408 -33.15 8.26 -26.29
CA TYR A 408 -33.34 7.36 -27.43
C TYR A 408 -33.77 8.20 -28.65
N VAL A 409 -33.96 7.57 -29.80
CA VAL A 409 -34.36 8.30 -30.99
C VAL A 409 -35.82 8.01 -31.27
N TYR A 410 -36.61 9.06 -31.54
CA TYR A 410 -37.99 8.87 -31.96
C TYR A 410 -38.33 9.87 -33.04
N ASN A 411 -38.96 9.37 -34.08
CA ASN A 411 -39.22 10.17 -35.28
C ASN A 411 -38.00 10.92 -35.81
N GLY A 412 -36.81 10.35 -35.63
CA GLY A 412 -35.58 10.96 -36.17
C GLY A 412 -35.00 12.03 -35.25
N TYR A 413 -35.61 12.21 -34.07
CA TYR A 413 -35.10 13.15 -33.07
C TYR A 413 -34.46 12.43 -31.90
N SER A 414 -33.37 12.98 -31.38
CA SER A 414 -32.89 12.59 -30.07
C SER A 414 -33.84 13.15 -29.04
N VAL A 415 -34.47 12.26 -28.26
CA VAL A 415 -35.25 12.68 -27.10
C VAL A 415 -34.46 12.37 -25.84
N VAL A 416 -34.22 13.38 -25.00
CA VAL A 416 -33.43 13.18 -23.79
C VAL A 416 -34.35 13.39 -22.59
N PHE A 417 -34.40 12.38 -21.72
CA PHE A 417 -35.18 12.45 -20.49
C PHE A 417 -34.19 12.74 -19.36
N VAL A 418 -34.47 13.78 -18.59
CA VAL A 418 -33.57 14.26 -17.57
C VAL A 418 -34.31 14.36 -16.25
N GLY A 419 -33.88 13.57 -15.28
CA GLY A 419 -34.47 13.60 -13.94
C GLY A 419 -33.98 14.78 -13.15
N THR A 420 -34.71 15.19 -12.12
CA THR A 420 -34.27 16.32 -11.27
C THR A 420 -34.30 15.96 -9.76
N LYS A 421 -33.63 16.78 -8.95
CA LYS A 421 -33.65 16.64 -7.50
C LYS A 421 -35.04 16.90 -6.86
N SER A 422 -35.94 17.57 -7.56
CA SER A 422 -37.26 17.81 -6.99
C SER A 422 -38.32 16.81 -7.47
N GLY A 423 -37.85 15.70 -8.05
CA GLY A 423 -38.72 14.63 -8.53
C GLY A 423 -39.40 14.88 -9.85
N LYS A 424 -38.87 15.78 -10.66
CA LYS A 424 -39.43 16.03 -11.99
C LYS A 424 -38.62 15.35 -13.10
N LEU A 425 -39.26 15.17 -14.25
CA LEU A 425 -38.64 14.61 -15.45
C LEU A 425 -38.80 15.54 -16.64
N LYS A 426 -37.69 16.07 -17.12
CA LYS A 426 -37.71 16.96 -18.29
C LYS A 426 -37.61 16.14 -19.57
N LYS A 427 -38.37 16.54 -20.58
CA LYS A 427 -38.24 15.91 -21.90
C LYS A 427 -37.66 16.90 -22.89
N ILE A 428 -36.48 16.59 -23.40
CA ILE A 428 -35.71 17.52 -24.20
C ILE A 428 -35.49 16.99 -25.62
N ARG A 429 -35.88 17.78 -26.62
CA ARG A 429 -35.67 17.41 -28.01
C ARG A 429 -34.37 18.08 -28.48
N ALA A 430 -33.44 17.29 -29.00
CA ALA A 430 -32.15 17.84 -29.44
C ALA A 430 -32.18 18.27 -30.91
N ASP A 431 -32.32 19.57 -31.17
CA ASP A 431 -32.45 20.12 -32.52
C ASP A 431 -31.15 20.69 -33.09
N GLY A 432 -30.12 20.79 -32.26
CA GLY A 432 -28.90 21.51 -32.63
C GLY A 432 -29.13 23.01 -32.75
N PRO A 433 -28.16 23.74 -33.36
CA PRO A 433 -28.16 25.21 -33.50
C PRO A 433 -29.54 25.83 -33.84
N PRO A 434 -29.92 26.92 -33.14
CA PRO A 434 -29.15 27.61 -32.08
C PRO A 434 -29.15 26.91 -30.72
N HIS A 435 -30.35 26.62 -30.18
CA HIS A 435 -30.54 26.12 -28.81
C HIS A 435 -29.75 24.86 -28.41
N GLY A 436 -29.38 24.04 -29.40
CA GLY A 436 -28.83 22.70 -29.14
C GLY A 436 -29.95 21.73 -28.78
N GLY A 437 -30.66 22.03 -27.70
CA GLY A 437 -31.82 21.27 -27.24
C GLY A 437 -32.93 22.17 -26.69
N VAL A 438 -34.17 21.70 -26.77
CA VAL A 438 -35.33 22.43 -26.27
C VAL A 438 -36.18 21.50 -25.38
N GLN A 439 -36.48 21.93 -24.17
CA GLN A 439 -37.42 21.18 -23.33
C GLN A 439 -38.83 21.44 -23.87
N TYR A 440 -39.56 20.36 -24.14
CA TYR A 440 -40.92 20.49 -24.66
C TYR A 440 -41.96 20.09 -23.62
N GLU A 441 -41.52 19.43 -22.56
CA GLU A 441 -42.43 19.04 -21.47
C GLU A 441 -41.65 18.74 -20.19
N MET A 442 -42.24 19.08 -19.05
CA MET A 442 -41.73 18.62 -17.78
C MET A 442 -42.87 17.96 -17.03
N VAL A 443 -42.57 16.84 -16.39
CA VAL A 443 -43.59 16.02 -15.76
C VAL A 443 -43.23 15.85 -14.30
N SER A 444 -44.23 15.95 -13.43
CA SER A 444 -44.04 15.70 -12.01
C SER A 444 -44.15 14.22 -11.72
N VAL A 445 -43.02 13.58 -11.42
CA VAL A 445 -43.03 12.16 -11.21
C VAL A 445 -43.29 11.86 -9.75
N PHE A 446 -42.49 12.46 -8.86
CA PHE A 446 -42.61 12.18 -7.43
C PHE A 446 -43.17 13.39 -6.69
N LYS A 447 -44.47 13.36 -6.42
CA LYS A 447 -45.18 14.46 -5.76
C LYS A 447 -44.49 15.01 -4.51
N ASP A 448 -43.93 14.13 -3.69
CA ASP A 448 -43.27 14.58 -2.46
C ASP A 448 -41.93 15.28 -2.73
N GLY A 449 -41.52 15.33 -3.99
CA GLY A 449 -40.32 16.08 -4.37
C GLY A 449 -39.03 15.28 -4.22
N SER A 450 -39.14 13.97 -4.04
CA SER A 450 -37.95 13.12 -3.89
C SER A 450 -37.04 13.18 -5.13
N PRO A 451 -35.71 13.31 -4.92
CA PRO A 451 -34.77 13.37 -6.04
C PRO A 451 -34.85 12.13 -6.91
N ILE A 452 -34.68 12.31 -8.22
CA ILE A 452 -34.67 11.17 -9.11
C ILE A 452 -33.25 10.59 -9.12
N LEU A 453 -33.15 9.27 -8.98
CA LEU A 453 -31.86 8.58 -8.96
C LEU A 453 -31.32 8.42 -10.38
N ARG A 454 -30.03 8.12 -10.51
CA ARG A 454 -29.38 8.10 -11.82
C ARG A 454 -29.94 7.05 -12.78
N ASP A 455 -30.20 5.85 -12.28
CA ASP A 455 -30.54 4.72 -13.15
C ASP A 455 -31.95 4.84 -13.67
N MET A 456 -32.06 5.19 -14.95
CA MET A 456 -33.34 5.18 -15.66
C MET A 456 -33.16 4.27 -16.86
N ALA A 457 -34.18 3.45 -17.15
CA ALA A 457 -34.07 2.48 -18.24
C ALA A 457 -35.38 2.31 -18.99
N PHE A 458 -35.30 2.14 -20.31
CA PHE A 458 -36.51 1.92 -21.11
C PHE A 458 -37.07 0.51 -20.96
N SER A 459 -38.40 0.40 -21.05
CA SER A 459 -39.07 -0.88 -21.26
C SER A 459 -38.73 -1.34 -22.68
N ILE A 460 -38.83 -2.63 -22.95
CA ILE A 460 -38.32 -3.16 -24.23
C ILE A 460 -39.12 -2.69 -25.46
N ASN A 461 -40.39 -2.37 -25.26
CA ASN A 461 -41.18 -1.76 -26.33
C ASN A 461 -40.99 -0.24 -26.41
N GLN A 462 -40.06 0.27 -25.61
CA GLN A 462 -39.73 1.71 -25.55
C GLN A 462 -40.95 2.61 -25.26
N LEU A 463 -42.01 2.02 -24.68
CA LEU A 463 -43.22 2.78 -24.35
C LEU A 463 -43.11 3.53 -23.01
N TYR A 464 -42.20 3.07 -22.16
CA TYR A 464 -42.05 3.64 -20.84
C TYR A 464 -40.59 3.84 -20.45
N LEU A 465 -40.39 4.77 -19.54
CA LEU A 465 -39.11 4.91 -18.87
C LEU A 465 -39.33 4.59 -17.40
N TYR A 466 -38.63 3.58 -16.90
CA TYR A 466 -38.60 3.32 -15.48
C TYR A 466 -37.73 4.36 -14.80
N VAL A 467 -38.30 5.00 -13.78
CA VAL A 467 -37.68 6.09 -13.04
C VAL A 467 -37.77 5.73 -11.56
N MET A 468 -36.72 6.01 -10.79
CA MET A 468 -36.78 5.77 -9.35
C MET A 468 -36.31 6.90 -8.43
N SER A 469 -36.90 6.91 -7.25
CA SER A 469 -36.39 7.69 -6.13
C SER A 469 -35.84 6.67 -5.13
N GLU A 470 -35.44 7.12 -3.95
CA GLU A 470 -34.93 6.19 -2.95
C GLU A 470 -36.04 5.31 -2.38
N ARG A 471 -37.30 5.68 -2.63
CA ARG A 471 -38.44 5.04 -1.98
C ARG A 471 -39.47 4.44 -2.94
N GLN A 472 -39.33 4.71 -4.24
CA GLN A 472 -40.27 4.25 -5.25
C GLN A 472 -39.62 3.94 -6.60
N VAL A 473 -40.12 2.93 -7.30
CA VAL A 473 -39.89 2.78 -8.74
C VAL A 473 -41.19 2.99 -9.50
N THR A 474 -41.17 3.89 -10.49
CA THR A 474 -42.37 4.23 -11.26
C THR A 474 -42.17 4.07 -12.76
N ARG A 475 -43.15 3.46 -13.41
CA ARG A 475 -43.14 3.26 -14.85
C ARG A 475 -43.80 4.44 -15.59
N VAL A 476 -42.97 5.30 -16.16
CA VAL A 476 -43.44 6.55 -16.77
C VAL A 476 -43.60 6.42 -18.28
N PRO A 477 -44.84 6.62 -18.79
CA PRO A 477 -45.08 6.66 -20.22
C PRO A 477 -44.09 7.63 -20.86
N VAL A 478 -43.54 7.32 -22.03
CA VAL A 478 -42.61 8.26 -22.66
C VAL A 478 -43.35 9.45 -23.29
N GLU A 479 -44.67 9.32 -23.47
CA GLU A 479 -45.53 10.42 -23.95
C GLU A 479 -46.91 10.33 -23.31
N SER A 480 -47.61 11.46 -23.31
CA SER A 480 -49.03 11.49 -23.02
C SER A 480 -49.67 12.51 -23.96
N CYS A 481 -49.61 12.18 -25.24
CA CYS A 481 -50.01 13.03 -26.32
C CYS A 481 -51.48 13.46 -26.22
N GLU A 482 -52.31 12.60 -25.62
CA GLU A 482 -53.74 12.88 -25.42
C GLU A 482 -54.01 14.22 -24.76
N GLN A 483 -53.02 14.76 -24.03
CA GLN A 483 -53.13 16.08 -23.39
C GLN A 483 -53.37 17.25 -24.36
N TYR A 484 -52.95 17.09 -25.62
CA TYR A 484 -53.14 18.14 -26.63
C TYR A 484 -54.46 17.85 -27.29
N THR A 485 -55.35 18.84 -27.39
CA THR A 485 -56.72 18.52 -27.80
C THR A 485 -57.20 19.19 -29.08
N THR A 486 -56.28 19.86 -29.79
CA THR A 486 -56.54 20.21 -31.18
C THR A 486 -55.35 19.79 -32.04
N CYS A 487 -55.60 19.65 -33.35
CA CYS A 487 -54.56 19.29 -34.29
C CYS A 487 -53.41 20.29 -34.19
N GLY A 488 -53.74 21.58 -34.20
CA GLY A 488 -52.76 22.66 -34.12
C GLY A 488 -51.87 22.59 -32.88
N GLU A 489 -52.46 22.28 -31.71
CA GLU A 489 -51.75 22.23 -30.46
C GLU A 489 -50.80 21.05 -30.44
N CYS A 490 -51.35 19.91 -30.84
CA CYS A 490 -50.66 18.63 -30.97
C CYS A 490 -49.38 18.75 -31.82
N LEU A 491 -49.53 19.30 -33.02
CA LEU A 491 -48.41 19.37 -33.95
C LEU A 491 -47.51 20.60 -33.69
N SER A 492 -47.91 21.42 -32.73
CA SER A 492 -47.05 22.53 -32.32
C SER A 492 -46.42 22.23 -30.96
N SER A 493 -46.70 21.05 -30.41
CA SER A 493 -46.28 20.68 -29.05
C SER A 493 -44.76 20.67 -28.92
N GLY A 494 -44.08 20.39 -30.05
CA GLY A 494 -42.64 20.13 -30.01
C GLY A 494 -42.34 18.70 -29.61
N ASP A 495 -43.36 17.93 -29.25
CA ASP A 495 -43.18 16.54 -28.79
C ASP A 495 -43.07 15.61 -30.00
N PRO A 496 -41.89 14.98 -30.24
CA PRO A 496 -41.75 14.16 -31.47
C PRO A 496 -42.68 12.93 -31.53
N HIS A 497 -43.24 12.53 -30.39
CA HIS A 497 -44.13 11.37 -30.37
C HIS A 497 -45.51 11.65 -30.99
N CYS A 498 -45.92 12.93 -31.02
CA CYS A 498 -47.35 13.27 -31.22
C CYS A 498 -47.77 13.67 -32.63
N GLY A 499 -48.82 13.01 -33.08
CA GLY A 499 -49.47 13.34 -34.33
C GLY A 499 -50.97 13.30 -34.08
N TRP A 500 -51.75 13.75 -35.06
CA TRP A 500 -53.19 13.93 -34.87
C TRP A 500 -54.02 12.83 -35.56
N CYS A 501 -54.74 12.07 -34.74
CA CYS A 501 -55.63 11.01 -35.20
C CYS A 501 -56.94 11.66 -35.58
N ALA A 502 -57.05 12.04 -36.85
CA ALA A 502 -58.13 12.91 -37.33
C ALA A 502 -59.53 12.39 -37.04
N LEU A 503 -59.81 11.15 -37.41
CA LEU A 503 -61.14 10.56 -37.24
C LEU A 503 -61.57 10.48 -35.78
N HIS A 504 -60.61 10.27 -34.89
CA HIS A 504 -60.93 10.11 -33.48
C HIS A 504 -60.72 11.37 -32.67
N ASN A 505 -60.35 12.45 -33.37
CA ASN A 505 -60.13 13.73 -32.73
C ASN A 505 -59.23 13.70 -31.51
N MET A 506 -58.07 13.04 -31.67
CA MET A 506 -57.22 12.72 -30.56
C MET A 506 -55.75 12.89 -30.99
N CYS A 507 -54.94 13.49 -30.13
CA CYS A 507 -53.50 13.57 -30.36
C CYS A 507 -52.92 12.27 -29.81
N SER A 508 -52.10 11.58 -30.60
CA SER A 508 -51.49 10.33 -30.11
C SER A 508 -50.24 9.95 -30.87
N ARG A 509 -49.56 8.93 -30.34
CA ARG A 509 -48.52 8.20 -31.07
C ARG A 509 -49.12 7.61 -32.33
N ARG A 510 -48.28 7.37 -33.35
CA ARG A 510 -48.74 6.73 -34.56
C ARG A 510 -49.38 5.35 -34.31
N ASP A 511 -48.76 4.53 -33.47
CA ASP A 511 -49.25 3.18 -33.28
C ASP A 511 -50.42 3.12 -32.28
N LYS A 512 -50.84 4.27 -31.75
CA LYS A 512 -52.10 4.33 -30.98
C LYS A 512 -53.26 4.91 -31.79
N CYS A 513 -52.98 5.32 -33.03
CA CYS A 513 -54.02 5.83 -33.91
C CYS A 513 -54.58 4.71 -34.77
N GLN A 514 -55.85 4.39 -34.56
CA GLN A 514 -56.54 3.36 -35.31
C GLN A 514 -56.40 3.58 -36.82
N ARG A 515 -55.94 2.54 -37.52
CA ARG A 515 -55.80 2.59 -38.98
C ARG A 515 -54.94 3.79 -39.42
N ALA A 516 -53.91 4.09 -38.63
CA ALA A 516 -52.99 5.18 -38.96
C ALA A 516 -52.36 5.00 -40.32
N TRP A 517 -52.20 3.74 -40.76
CA TRP A 517 -51.67 3.40 -42.10
C TRP A 517 -52.50 3.93 -43.28
N GLU A 518 -53.76 4.28 -43.06
CA GLU A 518 -54.62 4.77 -44.16
C GLU A 518 -54.42 6.26 -44.41
N ALA A 519 -54.39 6.65 -45.68
CA ALA A 519 -54.13 8.03 -46.06
C ALA A 519 -54.99 9.00 -45.28
N ASN A 520 -54.38 10.09 -44.81
CA ASN A 520 -55.12 11.18 -44.16
C ASN A 520 -55.59 10.93 -42.73
N ARG A 521 -55.50 9.69 -42.26
CA ARG A 521 -55.97 9.36 -40.90
C ARG A 521 -55.07 9.89 -39.77
N PHE A 522 -53.79 10.08 -40.07
CA PHE A 522 -52.83 10.54 -39.09
C PHE A 522 -52.01 11.71 -39.63
N ALA A 523 -52.32 12.90 -39.13
CA ALA A 523 -51.62 14.11 -39.49
C ALA A 523 -50.32 14.19 -38.70
N ALA A 524 -49.19 14.18 -39.40
CA ALA A 524 -47.87 14.22 -38.79
C ALA A 524 -47.22 15.58 -39.03
N SER A 525 -47.92 16.47 -39.72
CA SER A 525 -47.48 17.85 -39.84
C SER A 525 -48.64 18.83 -39.70
N ILE A 526 -48.32 20.11 -39.53
CA ILE A 526 -49.32 21.15 -39.33
C ILE A 526 -50.22 21.38 -40.56
N SER A 527 -49.64 21.24 -41.76
CA SER A 527 -50.41 21.34 -43.00
C SER A 527 -51.33 20.13 -43.18
N GLN A 528 -50.98 19.01 -42.56
CA GLN A 528 -51.88 17.85 -42.60
C GLN A 528 -53.12 17.99 -41.73
N CYS A 529 -53.16 19.00 -40.86
CA CYS A 529 -54.35 19.31 -40.08
C CYS A 529 -55.50 19.66 -41.01
N MET A 530 -55.22 20.54 -41.97
CA MET A 530 -56.24 21.01 -42.89
C MET A 530 -56.74 19.92 -43.84
N SER A 531 -55.83 19.17 -44.48
CA SER A 531 -56.25 18.09 -45.37
C SER A 531 -56.91 16.89 -44.64
N SER A 532 -56.44 16.57 -43.44
CA SER A 532 -57.09 15.55 -42.61
C SER A 532 -58.49 15.98 -42.12
N ARG A 533 -58.76 17.27 -42.24
CA ARG A 533 -60.07 17.85 -41.94
C ARG A 533 -60.70 18.32 -43.25
N TYR B 8 49.32 0.10 15.48
CA TYR B 8 48.24 -0.93 15.26
C TYR B 8 47.97 -1.20 13.79
N SER B 9 47.79 -2.48 13.45
CA SER B 9 47.40 -2.86 12.11
C SER B 9 46.15 -2.13 11.63
N THR B 10 46.20 -1.66 10.39
CA THR B 10 45.21 -0.73 9.87
C THR B 10 44.99 -0.91 8.36
N PHE B 11 43.75 -0.73 7.92
CA PHE B 11 43.39 -0.83 6.51
C PHE B 11 42.61 0.43 6.12
N HIS B 12 43.16 1.16 5.17
CA HIS B 12 42.57 2.38 4.68
C HIS B 12 41.62 2.12 3.52
N SER B 13 40.54 2.89 3.46
CA SER B 13 39.69 2.90 2.28
C SER B 13 40.54 3.41 1.10
N GLU B 14 40.29 2.86 -0.08
CA GLU B 14 41.09 3.24 -1.25
C GLU B 14 40.68 4.62 -1.76
N ASN B 15 39.49 5.04 -1.36
CA ASN B 15 38.95 6.31 -1.74
C ASN B 15 38.38 6.99 -0.49
N ARG B 16 38.60 8.29 -0.35
CA ARG B 16 38.03 9.05 0.75
C ARG B 16 36.49 9.09 0.73
N ASP B 17 35.89 8.87 -0.44
CA ASP B 17 34.43 8.96 -0.61
C ASP B 17 33.70 7.67 -0.34
N TRP B 18 34.36 6.56 -0.62
CA TRP B 18 33.77 5.24 -0.51
C TRP B 18 33.97 4.70 0.89
N THR B 19 33.16 5.21 1.81
CA THR B 19 33.32 4.97 3.23
C THR B 19 32.95 3.54 3.66
N PHE B 20 33.48 3.13 4.81
CA PHE B 20 33.22 1.79 5.37
C PHE B 20 31.83 1.72 6.01
N ASN B 21 31.18 0.56 5.89
CA ASN B 21 29.81 0.40 6.40
C ASN B 21 29.75 -0.67 7.50
N HIS B 22 30.21 -1.88 7.20
CA HIS B 22 30.04 -3.01 8.10
C HIS B 22 31.27 -3.89 8.19
N LEU B 23 31.34 -4.65 9.28
CA LEU B 23 32.49 -5.51 9.52
C LEU B 23 31.99 -6.73 10.24
N THR B 24 32.50 -7.89 9.82
CA THR B 24 32.30 -9.12 10.56
C THR B 24 33.58 -9.97 10.50
N VAL B 25 33.75 -10.82 11.51
CA VAL B 25 34.90 -11.73 11.56
C VAL B 25 34.42 -13.18 11.55
N HIS B 26 34.96 -13.97 10.64
CA HIS B 26 34.70 -15.38 10.62
C HIS B 26 35.21 -16.05 11.89
N ARG B 27 34.30 -16.66 12.62
CA ARG B 27 34.64 -17.18 13.96
C ARG B 27 35.53 -18.42 13.90
N ARG B 28 35.68 -19.02 12.73
CA ARG B 28 36.59 -20.16 12.63
C ARG B 28 37.89 -19.81 11.89
N THR B 29 37.80 -19.20 10.72
CA THR B 29 39.02 -18.89 9.95
C THR B 29 39.74 -17.64 10.43
N GLY B 30 38.98 -16.71 11.02
CA GLY B 30 39.53 -15.42 11.45
C GLY B 30 39.63 -14.37 10.36
N ALA B 31 39.10 -14.67 9.17
CA ALA B 31 39.12 -13.72 8.06
C ALA B 31 38.21 -12.54 8.39
N VAL B 32 38.65 -11.34 8.01
CA VAL B 32 37.88 -10.14 8.25
C VAL B 32 37.17 -9.71 6.97
N TYR B 33 35.86 -9.58 7.06
CA TYR B 33 35.05 -9.16 5.93
C TYR B 33 34.51 -7.77 6.20
N VAL B 34 34.77 -6.88 5.25
CA VAL B 34 34.37 -5.51 5.37
C VAL B 34 33.47 -5.11 4.20
N GLY B 35 32.30 -4.57 4.54
CA GLY B 35 31.37 -4.03 3.54
C GLY B 35 31.56 -2.54 3.50
N ALA B 36 31.72 -2.00 2.30
CA ALA B 36 31.99 -0.59 2.10
C ALA B 36 31.22 -0.08 0.88
N ILE B 37 31.21 1.23 0.66
CA ILE B 37 30.61 1.78 -0.56
C ILE B 37 31.43 1.27 -1.75
N ASN B 38 30.74 0.58 -2.66
CA ASN B 38 31.29 0.05 -3.90
C ASN B 38 32.26 -1.11 -3.72
N ARG B 39 32.35 -1.67 -2.52
CA ARG B 39 33.31 -2.74 -2.25
C ARG B 39 32.94 -3.68 -1.11
N VAL B 40 33.25 -4.95 -1.27
CA VAL B 40 33.28 -5.88 -0.16
C VAL B 40 34.69 -6.48 -0.13
N TYR B 41 35.37 -6.41 1.00
CA TYR B 41 36.74 -6.89 1.10
C TYR B 41 36.85 -8.10 1.99
N LYS B 42 37.76 -8.99 1.64
CA LYS B 42 38.21 -10.04 2.54
C LYS B 42 39.66 -9.74 2.94
N LEU B 43 39.87 -9.53 4.23
CA LEU B 43 41.21 -9.26 4.76
C LEU B 43 41.67 -10.39 5.68
N THR B 44 42.98 -10.54 5.79
CA THR B 44 43.61 -11.43 6.77
C THR B 44 43.39 -10.83 8.16
N GLY B 45 43.77 -11.59 9.20
CA GLY B 45 43.61 -11.15 10.60
C GLY B 45 44.32 -9.85 10.92
N ASN B 46 45.46 -9.60 10.28
CA ASN B 46 46.17 -8.33 10.45
C ASN B 46 45.82 -7.27 9.40
N LEU B 47 44.68 -7.49 8.72
CA LEU B 47 44.08 -6.49 7.85
C LEU B 47 44.83 -6.24 6.54
N THR B 48 45.43 -7.31 6.03
CA THR B 48 46.00 -7.36 4.70
C THR B 48 44.89 -7.79 3.75
N ILE B 49 44.72 -7.03 2.67
CA ILE B 49 43.71 -7.36 1.66
C ILE B 49 44.01 -8.70 0.94
N GLN B 50 43.01 -9.55 0.84
CA GLN B 50 43.14 -10.80 0.07
C GLN B 50 42.27 -10.68 -1.16
N VAL B 51 40.99 -10.34 -0.96
CA VAL B 51 40.04 -10.15 -2.06
C VAL B 51 39.32 -8.80 -1.94
N ALA B 52 39.18 -8.14 -3.08
CA ALA B 52 38.43 -6.90 -3.17
C ALA B 52 37.37 -7.13 -4.23
N HIS B 53 36.11 -7.22 -3.80
CA HIS B 53 35.01 -7.49 -4.71
C HIS B 53 34.25 -6.20 -4.99
N LYS B 54 34.13 -5.85 -6.27
CA LYS B 54 33.53 -4.58 -6.68
C LYS B 54 32.02 -4.68 -6.79
N THR B 55 31.31 -3.79 -6.10
CA THR B 55 29.85 -3.79 -6.13
C THR B 55 29.31 -2.55 -6.84
N GLY B 56 30.22 -1.65 -7.21
CA GLY B 56 29.86 -0.45 -7.95
C GLY B 56 31.07 0.46 -8.21
N PRO B 57 30.81 1.70 -8.63
CA PRO B 57 29.48 2.31 -8.85
C PRO B 57 28.79 1.84 -10.13
N GLU B 58 27.49 2.15 -10.28
CA GLU B 58 26.75 1.85 -11.51
C GLU B 58 25.60 2.80 -11.84
N GLU B 59 25.21 2.79 -13.11
CA GLU B 59 24.09 3.58 -13.60
C GLU B 59 22.81 3.07 -12.96
N ASP B 60 22.13 3.96 -12.23
CA ASP B 60 20.89 3.59 -11.55
C ASP B 60 20.02 4.81 -11.34
N ASN B 61 18.77 4.57 -10.96
CA ASN B 61 17.88 5.60 -10.46
C ASN B 61 16.90 4.87 -9.55
N LYS B 62 16.72 5.36 -8.32
CA LYS B 62 15.85 4.68 -7.36
C LYS B 62 14.34 4.88 -7.62
N ALA B 63 14.01 5.67 -8.64
CA ALA B 63 12.66 5.77 -9.15
C ALA B 63 12.37 4.64 -10.14
N CYS B 64 13.40 3.89 -10.54
CA CYS B 64 13.22 2.73 -11.40
C CYS B 64 12.81 1.48 -10.62
N TYR B 65 11.51 1.23 -10.57
CA TYR B 65 10.99 -0.01 -9.98
C TYR B 65 10.08 -0.71 -10.99
N PRO B 66 10.45 -1.92 -11.41
CA PRO B 66 11.61 -2.73 -10.99
C PRO B 66 12.93 -2.31 -11.67
N PRO B 67 14.07 -2.85 -11.22
CA PRO B 67 15.41 -2.40 -11.64
C PRO B 67 15.73 -2.64 -13.10
N LEU B 68 16.94 -2.25 -13.51
CA LEU B 68 17.41 -2.33 -14.89
C LEU B 68 17.49 -3.75 -15.46
N ILE B 69 17.89 -4.73 -14.65
CA ILE B 69 18.01 -6.12 -15.15
C ILE B 69 16.70 -6.72 -15.69
N VAL B 70 15.57 -6.38 -15.08
CA VAL B 70 14.30 -6.92 -15.52
C VAL B 70 13.75 -6.14 -16.73
N GLN B 71 13.36 -4.88 -16.50
CA GLN B 71 12.84 -4.01 -17.54
C GLN B 71 13.88 -2.97 -17.97
N PRO B 72 13.71 -2.37 -19.17
CA PRO B 72 14.41 -1.11 -19.41
C PRO B 72 13.71 -0.01 -18.60
N CYS B 73 14.46 0.98 -18.12
CA CYS B 73 13.84 2.05 -17.33
C CYS B 73 13.52 3.30 -18.16
N SER B 74 12.66 4.15 -17.60
CA SER B 74 12.16 5.32 -18.28
C SER B 74 12.85 6.61 -17.82
N GLU B 75 13.19 6.68 -16.53
CA GLU B 75 13.81 7.88 -15.97
C GLU B 75 15.32 7.99 -16.24
N VAL B 76 15.88 9.17 -15.95
CA VAL B 76 17.29 9.46 -16.26
C VAL B 76 18.23 8.84 -15.23
N LEU B 77 19.19 8.07 -15.73
CA LEU B 77 20.16 7.35 -14.91
C LEU B 77 21.37 8.20 -14.55
N THR B 78 21.94 7.94 -13.36
CA THR B 78 23.18 8.57 -12.90
C THR B 78 24.07 7.51 -12.29
N LEU B 79 25.38 7.68 -12.44
CA LEU B 79 26.35 6.78 -11.80
C LEU B 79 26.14 6.83 -10.28
N THR B 80 25.79 5.69 -9.69
CA THR B 80 25.32 5.63 -8.31
C THR B 80 26.22 4.71 -7.49
N ASN B 81 26.68 5.20 -6.34
CA ASN B 81 27.46 4.39 -5.41
C ASN B 81 26.59 3.29 -4.80
N ASN B 82 27.20 2.14 -4.52
CA ASN B 82 26.50 1.02 -3.90
C ASN B 82 26.85 0.89 -2.40
N VAL B 83 25.96 1.37 -1.55
CA VAL B 83 26.17 1.35 -0.11
C VAL B 83 25.90 -0.05 0.41
N ASN B 84 26.87 -0.63 1.12
CA ASN B 84 26.63 -1.92 1.76
C ASN B 84 25.64 -1.72 2.89
N LYS B 85 24.58 -2.51 2.87
CA LYS B 85 23.48 -2.39 3.84
C LYS B 85 23.44 -3.57 4.82
N LEU B 86 24.03 -4.67 4.41
CA LEU B 86 23.94 -5.92 5.15
C LEU B 86 25.13 -6.81 4.83
N LEU B 87 25.70 -7.43 5.85
CA LEU B 87 26.90 -8.23 5.68
C LEU B 87 26.87 -9.33 6.73
N ILE B 88 26.41 -10.50 6.31
CA ILE B 88 26.27 -11.64 7.21
C ILE B 88 26.95 -12.87 6.63
N ILE B 89 27.76 -13.53 7.45
CA ILE B 89 28.29 -14.85 7.12
C ILE B 89 27.20 -15.89 7.36
N ASP B 90 26.88 -16.63 6.31
CA ASP B 90 26.01 -17.81 6.38
C ASP B 90 26.90 -19.03 6.69
N TYR B 91 27.09 -19.30 7.98
CA TYR B 91 28.11 -20.26 8.43
C TYR B 91 28.01 -21.69 7.86
N SER B 92 26.87 -22.35 8.09
CA SER B 92 26.68 -23.72 7.58
C SER B 92 27.03 -23.90 6.09
N GLU B 93 26.94 -22.82 5.31
CA GLU B 93 27.12 -22.88 3.85
C GLU B 93 28.36 -22.22 3.28
N ASN B 94 29.32 -21.87 4.12
CA ASN B 94 30.56 -21.24 3.66
C ASN B 94 30.34 -20.14 2.61
N ARG B 95 29.45 -19.22 2.94
CA ARG B 95 29.18 -18.09 2.07
C ARG B 95 28.76 -16.82 2.84
N LEU B 96 28.78 -15.70 2.13
CA LEU B 96 28.53 -14.40 2.69
C LEU B 96 27.33 -13.75 2.00
N LEU B 97 26.36 -13.30 2.80
CA LEU B 97 25.25 -12.50 2.29
C LEU B 97 25.63 -11.03 2.30
N ALA B 98 25.69 -10.42 1.12
CA ALA B 98 26.04 -9.00 1.00
C ALA B 98 24.93 -8.26 0.26
N CYS B 99 24.22 -7.38 0.95
CA CYS B 99 23.13 -6.65 0.34
C CYS B 99 23.54 -5.19 0.21
N GLY B 100 23.21 -4.58 -0.93
CA GLY B 100 23.61 -3.20 -1.19
C GLY B 100 22.44 -2.26 -1.32
N SER B 101 22.70 -1.05 -1.79
CA SER B 101 21.61 -0.09 -2.03
C SER B 101 21.20 -0.02 -3.51
N LEU B 102 22.12 -0.37 -4.40
CA LEU B 102 21.85 -0.40 -5.85
C LEU B 102 20.65 -1.26 -6.24
N TYR B 103 19.91 -0.78 -7.23
CA TYR B 103 18.83 -1.57 -7.85
C TYR B 103 17.81 -2.02 -6.82
N GLN B 104 17.28 -1.08 -6.06
CA GLN B 104 16.23 -1.38 -5.10
C GLN B 104 16.67 -2.37 -4.01
N GLY B 105 17.97 -2.50 -3.82
CA GLY B 105 18.52 -3.23 -2.68
C GLY B 105 18.61 -4.73 -2.87
N VAL B 106 19.12 -5.13 -4.04
CA VAL B 106 19.43 -6.54 -4.32
C VAL B 106 20.57 -7.05 -3.43
N CYS B 107 20.60 -8.37 -3.23
CA CYS B 107 21.64 -9.04 -2.46
C CYS B 107 22.46 -9.96 -3.33
N LYS B 108 23.71 -10.16 -2.93
CA LYS B 108 24.59 -11.18 -3.52
C LYS B 108 24.96 -12.24 -2.47
N LEU B 109 25.03 -13.50 -2.89
CA LEU B 109 25.68 -14.53 -2.08
C LEU B 109 27.06 -14.78 -2.65
N LEU B 110 28.07 -14.67 -1.80
CA LEU B 110 29.47 -14.77 -2.19
C LEU B 110 30.16 -15.88 -1.43
N ARG B 111 30.93 -16.67 -2.16
CA ARG B 111 31.75 -17.72 -1.56
C ARG B 111 32.78 -17.07 -0.63
N LEU B 112 32.91 -17.61 0.58
CA LEU B 112 33.81 -17.08 1.60
C LEU B 112 35.27 -17.01 1.18
N ASP B 113 35.74 -18.02 0.43
CA ASP B 113 37.16 -18.17 0.12
C ASP B 113 37.66 -17.09 -0.83
N ASP B 114 36.86 -16.75 -1.82
CA ASP B 114 37.30 -15.85 -2.88
C ASP B 114 36.26 -14.82 -3.34
N LEU B 115 35.14 -14.71 -2.63
CA LEU B 115 34.08 -13.72 -2.94
C LEU B 115 33.51 -13.81 -4.36
N PHE B 116 33.58 -15.01 -4.91
CA PHE B 116 32.98 -15.34 -6.20
C PHE B 116 31.45 -15.26 -6.04
N ILE B 117 30.77 -14.68 -7.02
CA ILE B 117 29.31 -14.56 -6.97
C ILE B 117 28.66 -15.93 -7.12
N LEU B 118 27.94 -16.38 -6.10
CA LEU B 118 27.18 -17.61 -6.21
C LEU B 118 25.85 -17.32 -6.90
N VAL B 119 25.13 -16.30 -6.43
CA VAL B 119 23.84 -15.87 -7.01
C VAL B 119 23.55 -14.40 -6.67
N GLU B 120 22.88 -13.71 -7.58
CA GLU B 120 22.39 -12.35 -7.36
C GLU B 120 20.93 -12.27 -7.80
N PRO B 121 20.02 -12.81 -6.97
CA PRO B 121 18.59 -12.87 -7.30
C PRO B 121 18.03 -11.49 -7.59
N SER B 122 17.64 -11.21 -8.83
CA SER B 122 17.15 -9.87 -9.18
C SER B 122 15.87 -9.84 -10.04
N HIS B 123 15.07 -10.88 -9.97
CA HIS B 123 13.90 -10.96 -10.86
C HIS B 123 12.54 -11.01 -10.15
N LYS B 124 12.55 -11.31 -8.85
CA LYS B 124 11.33 -11.36 -8.04
C LYS B 124 11.14 -10.12 -7.16
N LYS B 125 9.89 -9.79 -6.83
CA LYS B 125 9.59 -8.61 -5.98
C LYS B 125 10.30 -8.64 -4.62
N GLU B 126 10.48 -9.83 -4.05
CA GLU B 126 11.18 -9.96 -2.76
C GLU B 126 12.69 -10.02 -2.87
N HIS B 127 13.21 -10.10 -4.09
CA HIS B 127 14.65 -10.03 -4.29
C HIS B 127 15.16 -8.62 -4.02
N TYR B 128 14.24 -7.66 -3.96
CA TYR B 128 14.55 -6.25 -3.71
C TYR B 128 14.19 -5.88 -2.28
N LEU B 129 15.20 -5.76 -1.43
CA LEU B 129 14.97 -5.59 0.01
C LEU B 129 14.52 -4.18 0.40
N SER B 130 15.16 -3.18 -0.20
CA SER B 130 14.91 -1.77 0.09
C SER B 130 15.80 -0.82 -0.71
N SER B 131 15.22 0.28 -1.16
CA SER B 131 15.97 1.29 -1.91
C SER B 131 16.66 2.34 -1.03
N VAL B 132 16.52 2.21 0.29
CA VAL B 132 17.20 3.10 1.24
C VAL B 132 18.72 3.04 1.00
N ASN B 133 19.37 4.20 0.98
CA ASN B 133 20.82 4.27 0.74
C ASN B 133 21.64 4.76 1.94
N LYS B 134 21.00 4.80 3.11
CA LYS B 134 21.62 5.13 4.40
C LYS B 134 22.03 3.83 5.09
N THR B 135 23.17 3.82 5.77
CA THR B 135 23.52 2.69 6.67
C THR B 135 22.84 2.85 8.02
N GLY B 136 22.99 1.82 8.86
CA GLY B 136 22.31 1.81 10.15
C GLY B 136 20.80 1.74 10.03
N THR B 137 20.30 1.10 8.97
CA THR B 137 18.85 1.08 8.71
C THR B 137 18.32 -0.32 8.49
N MET B 138 19.22 -1.27 8.25
CA MET B 138 18.89 -2.65 7.96
C MET B 138 19.69 -3.60 8.84
N TYR B 139 19.07 -4.69 9.25
CA TYR B 139 19.77 -5.75 9.97
C TYR B 139 19.13 -7.10 9.66
N GLY B 140 19.93 -8.16 9.70
CA GLY B 140 19.44 -9.50 9.42
C GLY B 140 19.89 -10.56 10.43
N VAL B 141 19.08 -11.62 10.56
CA VAL B 141 19.46 -12.78 11.37
C VAL B 141 19.16 -14.06 10.59
N ILE B 142 20.20 -14.88 10.40
CA ILE B 142 20.05 -16.22 9.83
C ILE B 142 19.72 -17.25 10.92
N VAL B 143 18.68 -18.02 10.67
CA VAL B 143 18.35 -19.13 11.54
C VAL B 143 18.44 -20.37 10.67
N ARG B 144 19.47 -21.16 10.94
CA ARG B 144 19.63 -22.39 10.22
C ARG B 144 20.10 -23.39 11.26
N SER B 145 19.28 -24.41 11.49
CA SER B 145 19.74 -25.61 12.21
C SER B 145 20.85 -26.20 11.33
N GLU B 146 22.06 -26.22 11.89
CA GLU B 146 23.25 -26.64 11.16
C GLU B 146 22.98 -27.80 10.18
N GLY B 147 23.26 -27.58 8.90
CA GLY B 147 23.07 -28.62 7.86
C GLY B 147 21.73 -28.74 7.15
N GLU B 148 20.84 -27.75 7.31
CA GLU B 148 19.52 -27.78 6.66
C GLU B 148 19.29 -26.54 5.79
N ASP B 149 18.12 -26.46 5.16
CA ASP B 149 17.62 -25.23 4.55
C ASP B 149 17.31 -24.22 5.66
N GLY B 150 17.61 -22.95 5.42
CA GLY B 150 17.54 -21.95 6.48
C GLY B 150 16.52 -20.87 6.28
N LYS B 151 16.47 -19.95 7.23
CA LYS B 151 15.62 -18.78 7.11
C LYS B 151 16.39 -17.52 7.50
N LEU B 152 16.07 -16.43 6.83
CA LEU B 152 16.70 -15.16 7.07
C LEU B 152 15.61 -14.20 7.51
N PHE B 153 15.75 -13.65 8.72
CA PHE B 153 14.93 -12.54 9.18
C PHE B 153 15.61 -11.25 8.77
N ILE B 154 14.87 -10.41 8.06
CA ILE B 154 15.46 -9.20 7.57
C ILE B 154 14.58 -8.01 7.92
N GLY B 155 15.19 -7.04 8.61
CA GLY B 155 14.51 -5.83 8.99
C GLY B 155 15.14 -4.67 8.25
N THR B 156 14.31 -3.82 7.67
CA THR B 156 14.83 -2.62 7.01
C THR B 156 13.88 -1.43 6.99
N ALA B 157 14.49 -0.24 6.95
CA ALA B 157 13.84 1.00 6.57
C ALA B 157 13.41 0.88 5.10
N VAL B 158 12.32 1.57 4.77
CA VAL B 158 11.68 1.39 3.46
C VAL B 158 11.49 2.71 2.70
N ASP B 159 11.86 3.82 3.32
CA ASP B 159 11.91 5.13 2.65
C ASP B 159 10.56 5.64 2.16
N GLY B 160 9.48 5.31 2.88
CA GLY B 160 8.14 5.69 2.46
C GLY B 160 7.61 4.86 1.29
N LYS B 161 8.34 3.81 0.92
CA LYS B 161 7.94 2.88 -0.16
C LYS B 161 7.25 1.66 0.43
N GLN B 162 6.18 1.90 1.20
CA GLN B 162 5.48 0.87 1.97
C GLN B 162 5.02 -0.36 1.18
N ASP B 163 4.66 -0.18 -0.08
CA ASP B 163 4.16 -1.32 -0.87
C ASP B 163 5.26 -2.09 -1.58
N TYR B 164 6.41 -1.45 -1.77
CA TYR B 164 7.53 -2.14 -2.41
C TYR B 164 8.24 -3.12 -1.47
N PHE B 165 8.43 -2.68 -0.23
CA PHE B 165 9.28 -3.39 0.71
C PHE B 165 8.63 -3.51 2.08
N PRO B 166 8.48 -4.76 2.59
CA PRO B 166 8.09 -4.90 4.00
C PRO B 166 9.20 -4.35 4.89
N THR B 167 8.83 -3.85 6.07
CA THR B 167 9.84 -3.38 7.05
C THR B 167 10.52 -4.56 7.78
N LEU B 168 9.78 -5.66 7.95
CA LEU B 168 10.32 -6.83 8.64
C LEU B 168 9.75 -8.09 8.00
N SER B 169 10.62 -9.07 7.70
CA SER B 169 10.14 -10.32 7.09
C SER B 169 11.08 -11.49 7.29
N SER B 170 10.59 -12.71 7.08
CA SER B 170 11.46 -13.85 6.98
C SER B 170 11.40 -14.46 5.58
N ARG B 171 12.59 -14.85 5.13
CA ARG B 171 12.84 -15.35 3.79
C ARG B 171 13.50 -16.72 3.86
N LYS B 172 13.26 -17.54 2.84
CA LYS B 172 13.87 -18.86 2.72
C LYS B 172 15.31 -18.67 2.30
N LEU B 173 16.19 -19.40 2.98
CA LEU B 173 17.61 -19.40 2.62
C LEU B 173 18.01 -20.86 2.46
N PRO B 174 17.68 -21.45 1.27
CA PRO B 174 17.95 -22.84 1.01
C PRO B 174 19.45 -23.11 0.85
N ARG B 175 19.85 -24.36 1.05
CA ARG B 175 21.22 -24.81 0.89
C ARG B 175 21.77 -24.49 -0.51
N ASP B 176 20.97 -24.80 -1.54
CA ASP B 176 21.36 -24.62 -2.93
C ASP B 176 21.22 -23.15 -3.36
N PRO B 177 22.35 -22.50 -3.71
CA PRO B 177 22.34 -21.09 -4.14
C PRO B 177 21.44 -20.80 -5.36
N GLU B 178 21.21 -21.80 -6.19
CA GLU B 178 20.46 -21.62 -7.44
C GLU B 178 19.01 -22.07 -7.34
N SER B 179 18.62 -22.57 -6.16
CA SER B 179 17.22 -22.83 -5.83
C SER B 179 16.32 -21.68 -6.26
N SER B 180 15.18 -22.01 -6.87
CA SER B 180 14.22 -20.98 -7.30
C SER B 180 13.48 -20.31 -6.12
N ALA B 181 13.78 -20.76 -4.89
CA ALA B 181 13.06 -20.35 -3.68
C ALA B 181 13.91 -19.37 -2.86
N MET B 182 15.09 -19.03 -3.39
CA MET B 182 16.03 -18.10 -2.77
C MET B 182 15.41 -16.74 -2.46
N LEU B 183 15.43 -16.40 -1.18
CA LEU B 183 14.87 -15.13 -0.66
C LEU B 183 13.36 -14.96 -0.74
N ASP B 184 12.65 -16.00 -1.19
CA ASP B 184 11.19 -16.03 -1.16
C ASP B 184 10.70 -15.88 0.28
N TYR B 185 9.53 -15.29 0.46
CA TYR B 185 8.92 -15.28 1.78
C TYR B 185 8.75 -16.69 2.30
N GLU B 186 8.98 -16.87 3.60
CA GLU B 186 8.69 -18.12 4.24
C GLU B 186 7.22 -18.50 4.02
N LEU B 187 6.33 -17.51 4.15
CA LEU B 187 4.92 -17.71 3.89
C LEU B 187 4.38 -16.48 3.20
N HIS B 188 3.60 -16.70 2.16
CA HIS B 188 3.03 -15.62 1.37
C HIS B 188 1.69 -16.03 0.84
N SER B 189 0.64 -15.45 1.42
CA SER B 189 -0.73 -15.70 1.02
C SER B 189 -1.57 -14.44 1.17
N ASP B 190 -2.80 -14.50 0.67
CA ASP B 190 -3.70 -13.37 0.70
C ASP B 190 -3.84 -12.70 2.07
N PHE B 191 -4.00 -13.48 3.13
CA PHE B 191 -4.30 -12.89 4.43
C PHE B 191 -3.29 -13.19 5.55
N VAL B 192 -2.35 -14.07 5.29
CA VAL B 192 -1.34 -14.46 6.28
C VAL B 192 0.01 -14.58 5.54
N SER B 193 1.00 -13.78 5.94
CA SER B 193 2.34 -13.79 5.34
C SER B 193 3.42 -13.55 6.40
N SER B 194 4.65 -14.01 6.12
CA SER B 194 5.78 -13.85 7.06
C SER B 194 6.49 -12.50 6.83
N LEU B 195 5.72 -11.42 7.02
CA LEU B 195 6.15 -10.06 6.73
C LEU B 195 5.29 -9.07 7.47
N ILE B 196 5.84 -7.87 7.70
CA ILE B 196 5.10 -6.74 8.26
C ILE B 196 5.29 -5.56 7.30
N LYS B 197 4.18 -4.94 6.88
CA LYS B 197 4.24 -3.69 6.07
C LYS B 197 3.95 -2.46 6.93
N ILE B 198 4.59 -1.34 6.62
CA ILE B 198 4.21 -0.09 7.27
C ILE B 198 2.88 0.35 6.65
N PRO B 199 1.84 0.60 7.47
CA PRO B 199 0.58 1.06 6.88
C PRO B 199 0.71 2.48 6.33
N SER B 200 0.08 2.70 5.17
CA SER B 200 0.01 4.03 4.55
C SER B 200 -0.56 5.16 5.43
N ASP B 201 -1.48 4.85 6.36
CA ASP B 201 -2.06 5.88 7.26
C ASP B 201 -1.07 6.46 8.25
N THR B 202 -0.14 5.62 8.70
CA THR B 202 0.95 6.06 9.56
C THR B 202 1.87 7.05 8.84
N LEU B 203 2.05 6.84 7.53
CA LEU B 203 2.89 7.69 6.69
C LEU B 203 2.23 9.03 6.36
N ALA B 204 0.90 9.02 6.28
CA ALA B 204 0.13 10.25 6.11
C ALA B 204 0.12 11.09 7.40
N LEU B 205 0.15 10.43 8.54
CA LEU B 205 0.18 11.11 9.83
C LEU B 205 1.60 11.62 10.15
N VAL B 206 2.59 10.75 9.99
CA VAL B 206 3.98 11.13 10.22
C VAL B 206 4.71 10.97 8.88
N SER B 207 5.03 12.09 8.24
CA SER B 207 5.51 12.05 6.84
C SER B 207 6.94 11.53 6.75
N HIS B 208 7.74 11.84 7.77
CA HIS B 208 9.10 11.35 7.87
C HIS B 208 9.19 9.85 8.30
N PHE B 209 8.04 9.21 8.49
CA PHE B 209 7.99 7.87 9.10
C PHE B 209 8.80 6.81 8.39
N ASP B 210 9.58 6.09 9.18
CA ASP B 210 10.36 4.94 8.74
C ASP B 210 10.87 4.27 10.00
N ILE B 211 11.33 3.03 9.88
CA ILE B 211 11.77 2.27 11.05
C ILE B 211 13.21 1.86 10.80
N PHE B 212 14.12 2.18 11.70
CA PHE B 212 15.55 1.93 11.49
C PHE B 212 15.98 0.75 12.36
N TYR B 213 16.58 -0.25 11.72
CA TYR B 213 16.95 -1.50 12.38
C TYR B 213 18.43 -1.44 12.67
N ILE B 214 18.73 -1.29 13.95
CA ILE B 214 20.08 -0.99 14.42
C ILE B 214 20.84 -2.29 14.73
N TYR B 215 20.10 -3.26 15.26
CA TYR B 215 20.69 -4.53 15.65
C TYR B 215 19.62 -5.63 15.63
N GLY B 216 20.08 -6.88 15.72
CA GLY B 216 19.24 -8.07 15.76
C GLY B 216 20.07 -9.27 16.16
N PHE B 217 19.44 -10.23 16.82
CA PHE B 217 20.15 -11.41 17.26
C PHE B 217 19.16 -12.54 17.53
N ALA B 218 19.67 -13.76 17.57
CA ALA B 218 18.91 -14.91 18.08
C ALA B 218 19.31 -15.18 19.52
N SER B 219 18.35 -15.60 20.33
CA SER B 219 18.60 -16.04 21.70
C SER B 219 17.48 -17.02 22.06
N GLY B 220 17.84 -18.27 22.36
CA GLY B 220 16.88 -19.34 22.61
C GLY B 220 15.93 -19.58 21.43
N GLY B 221 14.63 -19.56 21.70
CA GLY B 221 13.68 -19.83 20.63
C GLY B 221 13.23 -18.62 19.82
N PHE B 222 13.91 -17.50 19.98
CA PHE B 222 13.37 -16.22 19.50
C PHE B 222 14.44 -15.43 18.76
N VAL B 223 13.99 -14.56 17.86
CA VAL B 223 14.86 -13.55 17.25
C VAL B 223 14.40 -12.16 17.72
N TYR B 224 15.34 -11.22 17.78
CA TYR B 224 15.08 -9.92 18.39
C TYR B 224 15.65 -8.88 17.45
N PHE B 225 14.88 -7.84 17.22
CA PHE B 225 15.36 -6.69 16.43
C PHE B 225 15.21 -5.46 17.26
N LEU B 226 16.18 -4.57 17.12
CA LEU B 226 16.21 -3.36 17.92
C LEU B 226 16.08 -2.19 16.96
N THR B 227 15.02 -1.41 17.18
CA THR B 227 14.55 -0.44 16.19
C THR B 227 14.51 0.98 16.75
N VAL B 228 14.58 1.97 15.88
CA VAL B 228 14.32 3.36 16.25
C VAL B 228 13.37 3.88 15.17
N GLN B 229 12.41 4.71 15.56
CA GLN B 229 11.42 5.26 14.62
C GLN B 229 10.74 6.50 15.21
N PRO B 230 10.16 7.38 14.36
CA PRO B 230 9.42 8.53 14.90
C PRO B 230 8.23 8.05 15.70
N GLU B 231 7.90 8.75 16.78
CA GLU B 231 6.73 8.39 17.54
C GLU B 231 5.46 8.82 16.78
N THR B 232 4.35 8.16 17.09
CA THR B 232 3.06 8.45 16.49
C THR B 232 2.21 9.35 17.42
N PRO B 233 1.46 10.32 16.84
CA PRO B 233 0.46 11.12 17.57
C PRO B 233 -0.58 10.27 18.31
N LEU B 244 9.55 16.61 17.21
CA LEU B 244 9.70 15.26 16.66
C LEU B 244 10.28 14.31 17.71
N PHE B 245 9.45 13.42 18.23
CA PHE B 245 9.88 12.46 19.23
C PHE B 245 10.11 11.09 18.59
N TYR B 246 11.02 10.32 19.17
CA TYR B 246 11.40 9.00 18.66
C TYR B 246 11.25 7.91 19.71
N THR B 247 11.00 6.69 19.27
CA THR B 247 10.93 5.57 20.18
C THR B 247 11.88 4.44 19.75
N SER B 248 12.64 3.93 20.73
CA SER B 248 13.50 2.77 20.54
C SER B 248 12.81 1.57 21.12
N ARG B 249 12.81 0.48 20.38
CA ARG B 249 11.99 -0.69 20.71
C ARG B 249 12.74 -2.00 20.52
N ILE B 250 12.37 -3.01 21.32
CA ILE B 250 12.78 -4.40 21.09
C ILE B 250 11.62 -5.10 20.43
N VAL B 251 11.88 -5.78 19.32
CA VAL B 251 10.87 -6.50 18.57
C VAL B 251 11.25 -7.98 18.61
N ARG B 252 10.30 -8.82 19.00
CA ARG B 252 10.58 -10.24 19.16
C ARG B 252 9.68 -11.10 18.34
N LEU B 253 10.26 -12.10 17.68
CA LEU B 253 9.50 -13.12 16.96
C LEU B 253 9.99 -14.48 17.38
N CYS B 254 9.10 -15.48 17.42
CA CYS B 254 9.50 -16.88 17.53
C CYS B 254 10.18 -17.33 16.25
N LYS B 255 11.20 -18.18 16.41
CA LYS B 255 11.95 -18.66 15.25
C LYS B 255 11.07 -19.47 14.31
N ASP B 256 10.10 -20.18 14.89
CA ASP B 256 9.12 -20.95 14.12
C ASP B 256 7.77 -20.29 14.25
N ASP B 257 7.51 -19.34 13.35
CA ASP B 257 6.24 -18.64 13.34
C ASP B 257 6.11 -17.91 12.00
N PRO B 258 5.90 -18.66 10.90
CA PRO B 258 5.76 -18.08 9.55
C PRO B 258 4.55 -17.16 9.41
N LYS B 259 3.57 -17.31 10.30
CA LYS B 259 2.41 -16.40 10.28
C LYS B 259 2.74 -15.05 10.91
N PHE B 260 3.83 -14.98 11.68
CA PHE B 260 4.20 -13.74 12.42
C PHE B 260 3.18 -13.33 13.51
N HIS B 261 2.42 -14.29 14.03
CA HIS B 261 1.50 -13.98 15.13
C HIS B 261 2.21 -13.72 16.45
N SER B 262 3.52 -13.96 16.49
CA SER B 262 4.32 -13.82 17.72
C SER B 262 4.95 -12.43 17.90
N TYR B 263 4.71 -11.54 16.93
CA TYR B 263 5.28 -10.19 16.93
C TYR B 263 4.87 -9.44 18.18
N VAL B 264 5.87 -9.01 18.94
CA VAL B 264 5.64 -8.18 20.11
C VAL B 264 6.71 -7.09 20.14
N SER B 265 6.30 -5.86 20.44
CA SER B 265 7.23 -4.74 20.38
C SER B 265 7.06 -3.86 21.58
N LEU B 266 8.12 -3.76 22.39
CA LEU B 266 8.11 -2.92 23.59
C LEU B 266 9.14 -1.80 23.48
N PRO B 267 8.84 -0.61 24.05
CA PRO B 267 9.90 0.40 24.06
C PRO B 267 11.01 -0.01 25.06
N PHE B 268 12.23 0.45 24.82
CA PHE B 268 13.31 0.22 25.77
C PHE B 268 14.27 1.41 25.87
N GLY B 269 15.03 1.45 26.95
CA GLY B 269 15.88 2.59 27.27
C GLY B 269 16.54 2.37 28.62
N CYS B 270 17.26 3.36 29.10
CA CYS B 270 17.81 3.31 30.45
C CYS B 270 17.92 4.69 31.07
N THR B 271 18.04 4.72 32.39
CA THR B 271 18.10 5.99 33.10
C THR B 271 19.09 5.86 34.22
N ARG B 272 19.59 7.01 34.65
CA ARG B 272 20.53 7.11 35.76
C ARG B 272 20.51 8.54 36.27
N ALA B 273 20.33 8.68 37.58
CA ALA B 273 20.46 9.94 38.30
C ALA B 273 19.74 11.09 37.61
N GLY B 274 18.45 10.89 37.35
CA GLY B 274 17.58 11.94 36.77
C GLY B 274 17.64 12.13 35.27
N VAL B 275 18.57 11.45 34.61
CA VAL B 275 18.67 11.53 33.14
C VAL B 275 18.04 10.30 32.47
N GLU B 276 17.30 10.49 31.38
CA GLU B 276 16.77 9.35 30.61
C GLU B 276 17.53 9.25 29.30
N TYR B 277 17.83 8.02 28.88
CA TYR B 277 18.52 7.77 27.63
C TYR B 277 17.65 6.84 26.79
N ARG B 278 16.99 7.35 25.76
CA ARG B 278 15.99 6.55 25.10
C ARG B 278 16.10 6.53 23.57
N LEU B 279 17.20 7.06 23.05
CA LEU B 279 17.53 6.96 21.63
C LEU B 279 18.63 5.95 21.42
N LEU B 280 18.29 4.77 20.91
CA LEU B 280 19.25 3.67 20.72
C LEU B 280 20.30 4.04 19.68
N GLN B 281 21.58 3.85 20.05
CA GLN B 281 22.69 4.07 19.09
C GLN B 281 23.39 2.81 18.60
N ALA B 282 23.52 1.80 19.48
CA ALA B 282 24.37 0.64 19.19
C ALA B 282 24.04 -0.46 20.18
N ALA B 283 24.32 -1.70 19.80
CA ALA B 283 24.09 -2.84 20.71
C ALA B 283 24.95 -4.07 20.37
N TYR B 284 25.02 -5.01 21.31
CA TYR B 284 25.90 -6.17 21.16
C TYR B 284 25.42 -7.20 22.19
N LEU B 285 25.19 -8.43 21.76
CA LEU B 285 24.84 -9.51 22.66
C LEU B 285 26.08 -10.26 23.19
N ALA B 286 26.18 -10.44 24.51
CA ALA B 286 27.30 -11.22 25.10
C ALA B 286 26.88 -11.89 26.42
N LYS B 287 27.79 -12.66 27.00
CA LYS B 287 27.59 -13.30 28.31
C LYS B 287 28.07 -12.33 29.36
N PRO B 288 27.45 -12.35 30.55
CA PRO B 288 27.88 -11.43 31.59
C PRO B 288 29.01 -12.05 32.44
N GLY B 289 29.89 -11.22 32.99
CA GLY B 289 30.87 -11.69 33.97
C GLY B 289 30.18 -11.84 35.32
N GLU B 290 30.95 -12.24 36.32
CA GLU B 290 30.40 -12.59 37.62
C GLU B 290 29.52 -11.52 38.31
N ALA B 291 30.07 -10.34 38.51
CA ALA B 291 29.36 -9.31 39.25
C ALA B 291 28.11 -8.82 38.52
N LEU B 292 28.18 -8.76 37.18
CA LEU B 292 27.00 -8.36 36.39
C LEU B 292 25.93 -9.44 36.48
N ALA B 293 26.35 -10.70 36.42
CA ALA B 293 25.43 -11.82 36.59
C ALA B 293 24.73 -11.76 37.95
N GLN B 294 25.48 -11.47 39.02
CA GLN B 294 24.94 -11.32 40.38
C GLN B 294 23.93 -10.18 40.46
N ALA B 295 24.25 -9.04 39.83
CA ALA B 295 23.36 -7.88 39.85
C ALA B 295 22.02 -8.16 39.15
N PHE B 296 22.03 -9.04 38.16
CA PHE B 296 20.82 -9.44 37.46
C PHE B 296 20.14 -10.68 38.09
N ASN B 297 20.83 -11.35 39.03
CA ASN B 297 20.38 -12.62 39.59
C ASN B 297 20.21 -13.67 38.50
N ILE B 298 21.18 -13.71 37.59
CA ILE B 298 21.19 -14.69 36.50
C ILE B 298 22.47 -15.51 36.54
N SER B 299 22.51 -16.60 35.78
CA SER B 299 23.73 -17.35 35.67
C SER B 299 24.60 -16.72 34.56
N SER B 300 25.92 -16.93 34.62
CA SER B 300 26.85 -16.35 33.65
C SER B 300 26.73 -17.03 32.29
N ASP B 301 25.91 -18.07 32.22
CA ASP B 301 25.66 -18.76 30.97
C ASP B 301 24.59 -18.07 30.14
N GLU B 302 23.87 -17.11 30.72
CA GLU B 302 22.71 -16.51 30.05
C GLU B 302 23.08 -15.28 29.24
N ASP B 303 22.31 -15.01 28.20
CA ASP B 303 22.63 -13.90 27.32
C ASP B 303 22.27 -12.53 27.92
N VAL B 304 23.16 -11.57 27.71
CA VAL B 304 22.94 -10.18 28.12
C VAL B 304 23.15 -9.24 26.94
N LEU B 305 22.17 -8.37 26.72
CA LEU B 305 22.27 -7.35 25.69
C LEU B 305 22.88 -6.04 26.25
N PHE B 306 24.01 -5.62 25.68
CA PHE B 306 24.64 -4.34 26.01
C PHE B 306 24.21 -3.34 24.94
N ALA B 307 23.82 -2.15 25.37
CA ALA B 307 23.28 -1.15 24.45
C ALA B 307 23.80 0.25 24.79
N ILE B 308 23.92 1.10 23.77
CA ILE B 308 24.28 2.49 23.92
C ILE B 308 23.05 3.31 23.58
N PHE B 309 22.66 4.23 24.45
CA PHE B 309 21.51 5.11 24.18
C PHE B 309 21.99 6.55 24.36
N SER B 310 21.53 7.45 23.50
CA SER B 310 21.76 8.85 23.77
C SER B 310 20.60 9.47 24.59
N LYS B 311 20.88 10.61 25.22
CA LYS B 311 19.94 11.23 26.12
C LYS B 311 18.61 11.57 25.44
N GLY B 312 17.53 11.34 26.18
CA GLY B 312 16.21 11.80 25.80
C GLY B 312 15.56 11.01 24.68
N GLN B 313 14.67 11.69 23.97
CA GLN B 313 13.83 11.06 23.01
C GLN B 313 13.70 11.89 21.76
N LYS B 314 14.38 13.03 21.69
CA LYS B 314 14.19 13.88 20.53
C LYS B 314 15.45 14.23 19.75
N GLN B 315 15.25 14.78 18.56
CA GLN B 315 16.32 15.03 17.58
C GLN B 315 17.28 13.83 17.43
N TYR B 316 16.75 12.75 16.85
CA TYR B 316 17.51 11.50 16.70
C TYR B 316 18.68 11.68 15.73
N HIS B 317 18.47 12.46 14.67
CA HIS B 317 19.48 12.65 13.63
C HIS B 317 20.61 13.63 13.99
N HIS B 318 20.42 14.42 15.05
CA HIS B 318 21.50 15.23 15.59
C HIS B 318 21.59 15.07 17.11
N PRO B 319 22.10 13.92 17.57
CA PRO B 319 22.02 13.55 18.99
C PRO B 319 22.95 14.37 19.89
N PRO B 320 22.54 14.59 21.16
CA PRO B 320 23.45 15.22 22.12
C PRO B 320 24.62 14.29 22.45
N ASP B 321 25.70 14.83 23.01
CA ASP B 321 26.79 13.99 23.50
C ASP B 321 26.36 13.15 24.71
N ASP B 322 25.39 13.62 25.48
CA ASP B 322 24.95 12.92 26.67
C ASP B 322 24.49 11.52 26.26
N SER B 323 25.15 10.50 26.77
CA SER B 323 24.83 9.11 26.37
C SER B 323 25.20 8.10 27.45
N ALA B 324 24.68 6.89 27.32
CA ALA B 324 24.81 5.88 28.35
C ALA B 324 25.04 4.48 27.78
N LEU B 325 25.82 3.68 28.50
CA LEU B 325 25.88 2.24 28.30
C LEU B 325 24.97 1.55 29.33
N CYS B 326 24.08 0.69 28.87
CA CYS B 326 23.29 -0.14 29.79
C CYS B 326 23.17 -1.57 29.33
N ALA B 327 22.61 -2.42 30.19
CA ALA B 327 22.59 -3.85 29.97
C ALA B 327 21.23 -4.43 30.32
N PHE B 328 20.77 -5.34 29.46
CA PHE B 328 19.46 -5.99 29.61
C PHE B 328 19.63 -7.50 29.53
N PRO B 329 19.34 -8.25 30.61
CA PRO B 329 19.37 -9.69 30.43
C PRO B 329 18.22 -10.15 29.54
N ILE B 330 18.48 -11.14 28.68
CA ILE B 330 17.42 -11.58 27.78
C ILE B 330 16.27 -12.16 28.61
N ARG B 331 16.61 -12.85 29.69
CA ARG B 331 15.59 -13.40 30.62
C ARG B 331 14.59 -12.35 31.08
N ALA B 332 15.09 -11.16 31.43
CA ALA B 332 14.25 -10.08 31.94
C ALA B 332 13.37 -9.47 30.84
N ILE B 333 13.93 -9.38 29.63
CA ILE B 333 13.17 -9.00 28.45
C ILE B 333 11.99 -9.97 28.19
N ASN B 334 12.29 -11.27 28.14
CA ASN B 334 11.27 -12.29 27.94
C ASN B 334 10.23 -12.25 29.06
N LEU B 335 10.66 -12.05 30.31
CA LEU B 335 9.72 -11.95 31.44
C LEU B 335 8.76 -10.77 31.26
N GLN B 336 9.28 -9.61 30.87
CA GLN B 336 8.41 -8.45 30.71
C GLN B 336 7.43 -8.67 29.53
N ILE B 337 7.93 -9.26 28.44
CA ILE B 337 7.06 -9.65 27.33
C ILE B 337 5.97 -10.67 27.76
N LYS B 338 6.34 -11.62 28.60
CA LYS B 338 5.36 -12.61 29.07
C LYS B 338 4.24 -11.97 29.89
N GLU B 339 4.61 -11.08 30.80
CA GLU B 339 3.65 -10.40 31.65
C GLU B 339 2.74 -9.49 30.80
N ARG B 340 3.29 -8.90 29.75
CA ARG B 340 2.51 -8.17 28.77
C ARG B 340 1.49 -9.07 28.06
N LEU B 341 1.93 -10.24 27.58
CA LEU B 341 1.05 -11.22 26.95
C LEU B 341 -0.06 -11.74 27.88
N GLN B 342 0.33 -12.06 29.11
CA GLN B 342 -0.62 -12.54 30.14
C GLN B 342 -1.69 -11.50 30.44
N SER B 343 -1.27 -10.25 30.63
CA SER B 343 -2.17 -9.13 30.87
C SER B 343 -3.16 -8.96 29.73
N CYS B 344 -2.64 -8.91 28.51
CA CYS B 344 -3.47 -8.68 27.35
C CYS B 344 -4.47 -9.81 27.19
N TYR B 345 -4.01 -11.03 27.42
CA TYR B 345 -4.85 -12.21 27.30
C TYR B 345 -5.84 -12.33 28.44
N HIS B 346 -5.69 -11.48 29.45
CA HIS B 346 -6.71 -11.32 30.48
C HIS B 346 -7.75 -10.27 30.11
N GLY B 347 -7.60 -9.63 28.95
CA GLY B 347 -8.54 -8.57 28.54
C GLY B 347 -8.23 -7.19 29.09
N GLU B 348 -7.09 -7.07 29.77
CA GLU B 348 -6.66 -5.80 30.36
C GLU B 348 -6.01 -4.94 29.28
N GLY B 349 -6.49 -3.71 29.14
CA GLY B 349 -5.85 -2.72 28.27
C GLY B 349 -6.01 -2.90 26.78
N ASN B 350 -5.10 -2.26 26.05
CA ASN B 350 -5.09 -2.24 24.59
C ASN B 350 -3.76 -2.81 24.04
N LEU B 351 -3.76 -3.19 22.76
CA LEU B 351 -2.55 -3.74 22.16
C LEU B 351 -1.40 -2.71 22.18
N GLU B 352 -1.74 -1.44 21.95
CA GLU B 352 -0.80 -0.30 22.04
C GLU B 352 0.35 -0.41 21.06
N LEU B 353 0.01 -0.49 19.78
CA LEU B 353 0.99 -0.39 18.73
C LEU B 353 0.36 0.39 17.57
N ASN B 354 0.13 1.68 17.84
CA ASN B 354 -0.49 2.63 16.93
C ASN B 354 0.09 2.65 15.50
N TRP B 355 1.42 2.59 15.39
CA TRP B 355 2.03 2.75 14.07
C TRP B 355 1.64 1.62 13.11
N LEU B 356 1.42 0.45 13.68
CA LEU B 356 1.06 -0.73 12.90
C LEU B 356 -0.44 -1.00 12.94
N LEU B 357 -1.05 -0.81 14.10
CA LEU B 357 -2.48 -1.13 14.24
C LEU B 357 -3.38 -0.01 13.74
N GLY B 358 -2.83 1.20 13.70
CA GLY B 358 -3.50 2.38 13.14
C GLY B 358 -4.54 3.03 14.03
N LYS B 359 -4.80 2.41 15.19
CA LYS B 359 -5.90 2.80 16.08
C LYS B 359 -5.78 2.03 17.39
N ASP B 360 -6.53 2.46 18.41
CA ASP B 360 -6.64 1.75 19.68
C ASP B 360 -7.31 0.38 19.45
N VAL B 361 -6.69 -0.68 19.96
CA VAL B 361 -7.29 -2.01 19.84
C VAL B 361 -7.33 -2.65 21.23
N GLN B 362 -8.54 -2.87 21.72
CA GLN B 362 -8.76 -3.52 23.00
C GLN B 362 -8.13 -4.91 23.02
N CYS B 363 -7.44 -5.25 24.11
CA CYS B 363 -7.02 -6.63 24.35
C CYS B 363 -8.23 -7.55 24.55
N THR B 364 -8.16 -8.74 23.96
CA THR B 364 -9.23 -9.72 24.04
C THR B 364 -8.90 -10.84 25.02
N LYS B 365 -9.77 -11.00 26.02
CA LYS B 365 -9.69 -12.08 27.00
C LYS B 365 -9.90 -13.41 26.30
N ALA B 366 -9.01 -14.38 26.57
CA ALA B 366 -9.13 -15.73 26.00
C ALA B 366 -8.38 -16.79 26.81
N PRO B 367 -8.99 -17.98 26.97
CA PRO B 367 -8.43 -19.08 27.77
C PRO B 367 -7.28 -19.70 27.00
N VAL B 368 -6.07 -19.21 27.26
CA VAL B 368 -4.88 -19.68 26.55
C VAL B 368 -3.77 -19.75 27.59
N PRO B 369 -3.02 -20.87 27.61
CA PRO B 369 -1.89 -20.88 28.54
C PRO B 369 -0.77 -19.99 27.99
N ILE B 370 -0.28 -19.06 28.80
CA ILE B 370 0.85 -18.24 28.39
C ILE B 370 2.10 -18.67 29.16
N ASP B 371 2.87 -19.56 28.55
CA ASP B 371 4.15 -19.97 29.13
C ASP B 371 5.29 -19.23 28.41
N ASP B 372 6.52 -19.65 28.66
CA ASP B 372 7.71 -18.99 28.11
C ASP B 372 7.79 -19.09 26.59
N ASN B 373 7.32 -20.21 26.05
CA ASN B 373 7.44 -20.51 24.63
C ASN B 373 6.18 -20.14 23.81
N PHE B 374 5.31 -19.30 24.36
CA PHE B 374 4.08 -18.92 23.65
C PHE B 374 4.42 -18.10 22.41
N CYS B 375 3.82 -18.47 21.29
CA CYS B 375 4.10 -17.78 20.01
C CYS B 375 2.88 -17.18 19.37
N GLY B 376 1.90 -16.84 20.18
CA GLY B 376 0.77 -16.04 19.71
C GLY B 376 -0.29 -16.86 19.02
N LEU B 377 -1.45 -16.24 18.83
CA LEU B 377 -2.58 -16.83 18.12
C LEU B 377 -3.12 -15.72 17.23
N ASP B 378 -4.22 -15.98 16.53
CA ASP B 378 -4.77 -14.99 15.60
C ASP B 378 -5.30 -13.71 16.28
N ILE B 379 -5.54 -13.75 17.60
CA ILE B 379 -5.97 -12.57 18.35
C ILE B 379 -4.81 -11.92 19.09
N ASN B 380 -5.05 -10.71 19.58
CA ASN B 380 -4.09 -9.99 20.43
C ASN B 380 -2.70 -9.83 19.77
N GLN B 381 -2.69 -9.70 18.45
CA GLN B 381 -1.42 -9.49 17.75
C GLN B 381 -1.61 -8.63 16.47
N PRO B 382 -0.57 -7.91 16.03
CA PRO B 382 0.73 -7.69 16.69
C PRO B 382 0.58 -6.95 18.00
N LEU B 383 1.44 -7.29 18.97
CA LEU B 383 1.36 -6.75 20.32
C LEU B 383 2.43 -5.67 20.54
N GLY B 384 2.02 -4.54 21.09
CA GLY B 384 2.97 -3.53 21.54
C GLY B 384 2.91 -3.28 23.03
N GLY B 385 3.05 -2.03 23.40
CA GLY B 385 3.10 -1.64 24.81
C GLY B 385 3.74 -0.26 24.85
N SER B 386 3.46 0.47 25.93
CA SER B 386 4.06 1.79 26.09
C SER B 386 4.91 1.91 27.35
N THR B 387 4.87 0.90 28.24
CA THR B 387 5.82 0.84 29.37
C THR B 387 7.17 0.27 28.91
N PRO B 388 8.24 1.08 29.00
CA PRO B 388 9.56 0.66 28.52
C PRO B 388 10.21 -0.44 29.35
N VAL B 389 10.99 -1.28 28.68
CA VAL B 389 11.90 -2.19 29.35
C VAL B 389 13.08 -1.32 29.75
N GLU B 390 13.39 -1.31 31.04
CA GLU B 390 14.49 -0.48 31.55
C GLU B 390 15.73 -1.31 31.71
N GLY B 391 16.86 -0.78 31.26
CA GLY B 391 18.13 -1.49 31.44
C GLY B 391 18.86 -1.05 32.69
N LEU B 392 19.88 -1.81 33.08
CA LEU B 392 20.77 -1.38 34.12
C LEU B 392 21.87 -0.48 33.51
N THR B 393 21.88 0.80 33.89
CA THR B 393 22.89 1.74 33.40
C THR B 393 24.25 1.39 34.01
N LEU B 394 25.28 1.31 33.17
CA LEU B 394 26.61 0.93 33.64
C LEU B 394 27.55 2.09 33.63
N TYR B 395 27.31 3.03 32.71
CA TYR B 395 28.24 4.09 32.46
C TYR B 395 27.56 5.17 31.66
N THR B 396 27.87 6.43 31.98
CA THR B 396 27.35 7.62 31.25
C THR B 396 28.45 8.68 31.03
N THR B 397 28.25 9.53 30.02
CA THR B 397 29.14 10.65 29.73
C THR B 397 28.32 11.75 29.05
N SER B 398 28.87 12.97 29.01
CA SER B 398 28.20 14.05 28.29
C SER B 398 29.20 14.88 27.52
N ARG B 399 30.44 14.40 27.49
CA ARG B 399 31.50 15.12 26.79
C ARG B 399 31.78 14.60 25.40
N ASP B 400 31.53 13.31 25.18
CA ASP B 400 31.94 12.68 23.91
C ASP B 400 31.00 11.53 23.61
N ARG B 401 30.10 11.73 22.66
CA ARG B 401 28.99 10.81 22.42
C ARG B 401 29.44 9.38 22.16
N LEU B 402 28.79 8.43 22.84
CA LEU B 402 29.08 7.02 22.65
C LEU B 402 28.41 6.51 21.38
N THR B 403 29.12 5.71 20.60
CA THR B 403 28.66 5.33 19.26
C THR B 403 28.62 3.83 18.96
N SER B 404 29.32 3.01 19.75
CA SER B 404 29.38 1.57 19.46
C SER B 404 29.68 0.78 20.71
N VAL B 405 29.48 -0.54 20.65
CA VAL B 405 29.75 -1.35 21.85
C VAL B 405 30.06 -2.77 21.47
N ALA B 406 31.00 -3.36 22.19
CA ALA B 406 31.29 -4.78 22.17
C ALA B 406 31.62 -5.15 23.61
N SER B 407 31.37 -6.39 23.98
CA SER B 407 31.70 -6.86 25.32
C SER B 407 32.12 -8.33 25.34
N TYR B 408 32.97 -8.69 26.30
CA TYR B 408 33.29 -10.10 26.55
C TYR B 408 33.73 -10.27 28.02
N VAL B 409 34.04 -11.50 28.41
CA VAL B 409 34.38 -11.73 29.81
C VAL B 409 35.85 -12.03 29.92
N TYR B 410 36.50 -11.36 30.87
CA TYR B 410 37.92 -11.61 31.13
C TYR B 410 38.15 -11.60 32.62
N ASN B 411 38.82 -12.63 33.11
CA ASN B 411 39.04 -12.85 34.53
C ASN B 411 37.82 -12.68 35.41
N GLY B 412 36.67 -13.12 34.92
CA GLY B 412 35.41 -13.03 35.66
C GLY B 412 34.70 -11.70 35.51
N TYR B 413 35.32 -10.74 34.80
CA TYR B 413 34.75 -9.41 34.57
C TYR B 413 34.15 -9.24 33.17
N SER B 414 32.95 -8.68 33.12
CA SER B 414 32.49 -8.10 31.87
C SER B 414 33.37 -6.89 31.59
N VAL B 415 34.00 -6.91 30.42
CA VAL B 415 34.78 -5.80 29.89
C VAL B 415 34.00 -5.26 28.68
N VAL B 416 33.70 -3.97 28.66
CA VAL B 416 32.86 -3.42 27.61
C VAL B 416 33.70 -2.38 26.88
N PHE B 417 33.82 -2.54 25.57
CA PHE B 417 34.56 -1.56 24.79
C PHE B 417 33.55 -0.64 24.12
N VAL B 418 33.68 0.67 24.32
CA VAL B 418 32.73 1.64 23.79
C VAL B 418 33.44 2.70 22.92
N GLY B 419 33.07 2.75 21.64
CA GLY B 419 33.59 3.75 20.70
C GLY B 419 32.91 5.08 20.94
N THR B 420 33.58 6.17 20.61
CA THR B 420 33.02 7.52 20.74
C THR B 420 33.03 8.27 19.41
N LYS B 421 32.29 9.37 19.34
CA LYS B 421 32.24 10.14 18.10
C LYS B 421 33.55 10.88 17.79
N SER B 422 34.46 10.98 18.77
CA SER B 422 35.76 11.61 18.50
C SER B 422 36.88 10.60 18.22
N GLY B 423 36.48 9.35 17.97
CA GLY B 423 37.40 8.27 17.58
C GLY B 423 38.20 7.66 18.71
N LYS B 424 37.62 7.71 19.91
CA LYS B 424 38.22 7.09 21.08
C LYS B 424 37.54 5.77 21.39
N LEU B 425 38.25 4.93 22.16
CA LEU B 425 37.69 3.67 22.62
C LEU B 425 37.82 3.57 24.14
N LYS B 426 36.67 3.55 24.81
CA LYS B 426 36.62 3.47 26.26
C LYS B 426 36.63 2.02 26.66
N LYS B 427 37.34 1.71 27.75
CA LYS B 427 37.33 0.36 28.30
C LYS B 427 36.76 0.39 29.70
N ILE B 428 35.63 -0.28 29.86
CA ILE B 428 34.81 -0.20 31.04
C ILE B 428 34.67 -1.57 31.74
N ARG B 429 34.99 -1.62 33.02
CA ARG B 429 34.91 -2.84 33.78
C ARG B 429 33.55 -2.86 34.51
N ALA B 430 32.73 -3.86 34.23
CA ALA B 430 31.39 -3.95 34.83
C ALA B 430 31.41 -4.55 36.22
N ASP B 431 31.64 -3.69 37.23
CA ASP B 431 31.88 -4.10 38.62
C ASP B 431 30.61 -4.30 39.43
N GLY B 432 29.51 -3.68 39.01
CA GLY B 432 28.28 -3.72 39.81
C GLY B 432 28.23 -2.48 40.68
N PRO B 433 27.37 -2.49 41.73
CA PRO B 433 27.15 -1.28 42.53
C PRO B 433 28.43 -0.82 43.26
N PRO B 434 28.61 0.51 43.46
CA PRO B 434 27.65 1.58 43.14
C PRO B 434 27.61 2.00 41.67
N HIS B 435 28.77 1.97 41.00
CA HIS B 435 28.88 2.60 39.68
C HIS B 435 28.22 1.82 38.54
N GLY B 436 28.05 0.51 38.72
CA GLY B 436 27.69 -0.38 37.60
C GLY B 436 28.92 -0.71 36.75
N GLY B 437 29.51 0.32 36.15
CA GLY B 437 30.72 0.18 35.36
C GLY B 437 31.74 1.26 35.70
N VAL B 438 33.01 0.95 35.50
CA VAL B 438 34.09 1.90 35.73
C VAL B 438 34.99 1.95 34.51
N GLN B 439 35.21 3.13 33.93
CA GLN B 439 36.19 3.24 32.85
C GLN B 439 37.56 3.16 33.49
N TYR B 440 38.37 2.22 33.02
CA TYR B 440 39.74 2.06 33.52
C TYR B 440 40.75 2.60 32.50
N GLU B 441 40.35 2.73 31.25
CA GLU B 441 41.20 3.29 30.20
C GLU B 441 40.40 3.82 28.99
N MET B 442 40.92 4.87 28.36
CA MET B 442 40.40 5.34 27.09
C MET B 442 41.57 5.56 26.15
N VAL B 443 41.46 5.00 24.94
CA VAL B 443 42.53 5.08 23.96
C VAL B 443 42.03 5.86 22.74
N SER B 444 42.93 6.70 22.20
CA SER B 444 42.74 7.33 20.91
C SER B 444 43.01 6.29 19.85
N VAL B 445 42.00 6.01 19.05
CA VAL B 445 42.13 5.05 17.96
C VAL B 445 42.30 5.85 16.66
N PHE B 446 41.39 6.79 16.43
CA PHE B 446 41.39 7.51 15.17
C PHE B 446 41.89 8.93 15.33
N LYS B 447 43.14 9.10 14.91
CA LYS B 447 43.86 10.38 14.92
C LYS B 447 43.01 11.54 14.44
N ASP B 448 42.32 11.34 13.31
CA ASP B 448 41.48 12.36 12.67
C ASP B 448 40.25 12.77 13.51
N GLY B 449 40.04 12.08 14.62
CA GLY B 449 38.89 12.33 15.50
C GLY B 449 37.53 12.02 14.88
N SER B 450 37.49 11.04 13.98
CA SER B 450 36.23 10.65 13.32
C SER B 450 35.49 9.62 14.17
N PRO B 451 34.15 9.57 14.06
CA PRO B 451 33.39 8.61 14.87
C PRO B 451 33.75 7.15 14.59
N ILE B 452 33.75 6.35 15.65
CA ILE B 452 33.85 4.92 15.50
C ILE B 452 32.48 4.39 15.08
N LEU B 453 32.46 3.52 14.08
CA LEU B 453 31.20 2.96 13.56
C LEU B 453 30.75 1.79 14.44
N ARG B 454 29.48 1.41 14.32
CA ARG B 454 28.85 0.44 15.24
C ARG B 454 29.53 -0.95 15.29
N ASP B 455 29.89 -1.47 14.11
CA ASP B 455 30.36 -2.83 14.00
C ASP B 455 31.79 -2.95 14.53
N MET B 456 31.92 -3.55 15.71
CA MET B 456 33.21 -3.94 16.30
C MET B 456 33.11 -5.44 16.58
N ALA B 457 34.17 -6.18 16.27
CA ALA B 457 34.17 -7.61 16.46
C ALA B 457 35.54 -8.06 16.95
N PHE B 458 35.54 -9.09 17.79
CA PHE B 458 36.79 -9.65 18.31
C PHE B 458 37.48 -10.57 17.28
N SER B 459 38.81 -10.64 17.35
CA SER B 459 39.52 -11.67 16.61
C SER B 459 39.20 -13.00 17.30
N ILE B 460 39.46 -14.12 16.60
CA ILE B 460 39.09 -15.45 17.11
C ILE B 460 39.70 -15.78 18.47
N ASN B 461 40.92 -15.29 18.70
CA ASN B 461 41.62 -15.51 19.96
C ASN B 461 41.28 -14.48 21.04
N GLN B 462 40.38 -13.54 20.72
CA GLN B 462 39.98 -12.46 21.63
C GLN B 462 41.15 -11.51 22.01
N LEU B 463 42.24 -11.55 21.27
CA LEU B 463 43.40 -10.68 21.56
C LEU B 463 43.19 -9.25 21.05
N TYR B 464 42.29 -9.09 20.09
CA TYR B 464 42.10 -7.79 19.45
C TYR B 464 40.62 -7.53 19.23
N LEU B 465 40.28 -6.26 19.12
CA LEU B 465 38.97 -5.85 18.66
C LEU B 465 39.14 -5.02 17.38
N TYR B 466 38.47 -5.45 16.33
CA TYR B 466 38.48 -4.71 15.10
C TYR B 466 37.46 -3.59 15.25
N VAL B 467 37.92 -2.39 14.96
CA VAL B 467 37.20 -1.16 15.17
C VAL B 467 37.34 -0.40 13.87
N MET B 468 36.31 0.36 13.49
CA MET B 468 36.42 1.12 12.25
C MET B 468 35.80 2.52 12.26
N SER B 469 36.39 3.39 11.43
CA SER B 469 35.83 4.69 11.14
C SER B 469 35.33 4.64 9.71
N GLU B 470 34.83 5.75 9.19
CA GLU B 470 34.38 5.77 7.81
C GLU B 470 35.54 5.49 6.81
N ARG B 471 36.79 5.77 7.21
CA ARG B 471 37.94 5.68 6.30
C ARG B 471 39.05 4.71 6.71
N GLN B 472 38.92 4.08 7.88
CA GLN B 472 39.91 3.11 8.37
C GLN B 472 39.30 1.99 9.19
N VAL B 473 39.88 0.81 9.04
CA VAL B 473 39.64 -0.31 9.92
C VAL B 473 40.94 -0.51 10.70
N THR B 474 40.83 -0.60 12.02
CA THR B 474 42.00 -0.76 12.86
C THR B 474 41.82 -1.92 13.83
N ARG B 475 42.87 -2.73 13.95
CA ARG B 475 42.93 -3.86 14.88
C ARG B 475 43.52 -3.41 16.20
N VAL B 476 42.67 -3.22 17.19
CA VAL B 476 43.09 -2.62 18.45
C VAL B 476 43.32 -3.76 19.46
N PRO B 477 44.53 -3.84 20.06
CA PRO B 477 44.75 -4.90 21.05
C PRO B 477 43.78 -4.69 22.23
N VAL B 478 43.22 -5.76 22.79
CA VAL B 478 42.28 -5.61 23.92
C VAL B 478 42.95 -5.08 25.19
N GLU B 479 44.27 -5.22 25.25
CA GLU B 479 45.06 -4.65 26.33
C GLU B 479 46.40 -4.14 25.81
N SER B 480 46.95 -3.15 26.51
CA SER B 480 48.36 -2.84 26.35
C SER B 480 48.93 -2.70 27.75
N CYS B 481 48.97 -3.82 28.47
CA CYS B 481 49.40 -3.85 29.85
C CYS B 481 50.81 -3.30 30.05
N GLU B 482 51.64 -3.45 29.02
CA GLU B 482 53.06 -3.01 29.06
C GLU B 482 53.25 -1.54 29.41
N GLN B 483 52.20 -0.72 29.20
CA GLN B 483 52.25 0.72 29.50
C GLN B 483 52.49 0.96 30.99
N TYR B 484 52.03 0.04 31.84
CA TYR B 484 52.23 0.15 33.29
C TYR B 484 53.61 -0.38 33.69
N THR B 485 54.42 0.43 34.35
CA THR B 485 55.85 0.10 34.48
C THR B 485 56.34 -0.28 35.86
N THR B 486 55.42 -0.41 36.81
CA THR B 486 55.75 -1.00 38.11
C THR B 486 54.64 -1.98 38.48
N CYS B 487 54.94 -2.92 39.37
CA CYS B 487 53.97 -3.91 39.82
C CYS B 487 52.73 -3.20 40.37
N GLY B 488 52.98 -2.21 41.21
CA GLY B 488 51.94 -1.44 41.88
C GLY B 488 51.01 -0.74 40.90
N GLU B 489 51.56 -0.12 39.87
CA GLU B 489 50.76 0.61 38.91
C GLU B 489 49.95 -0.38 38.07
N CYS B 490 50.61 -1.46 37.69
CA CYS B 490 50.01 -2.55 36.95
C CYS B 490 48.76 -3.11 37.65
N LEU B 491 48.91 -3.48 38.92
CA LEU B 491 47.82 -4.13 39.66
C LEU B 491 46.79 -3.13 40.23
N SER B 492 47.09 -1.84 40.10
CA SER B 492 46.16 -0.80 40.52
C SER B 492 45.48 -0.17 39.32
N SER B 493 45.73 -0.71 38.13
CA SER B 493 45.29 -0.06 36.88
C SER B 493 43.79 -0.16 36.69
N GLY B 494 43.19 -1.18 37.30
CA GLY B 494 41.77 -1.52 37.08
C GLY B 494 41.52 -2.32 35.81
N ASP B 495 42.58 -2.65 35.08
CA ASP B 495 42.45 -3.42 33.84
C ASP B 495 42.50 -4.91 34.20
N PRO B 496 41.42 -5.68 33.91
CA PRO B 496 41.39 -7.07 34.34
C PRO B 496 42.41 -7.96 33.63
N HIS B 497 42.93 -7.52 32.49
CA HIS B 497 43.91 -8.28 31.73
C HIS B 497 45.31 -8.32 32.40
N CYS B 498 45.61 -7.30 33.21
CA CYS B 498 47.00 -7.02 33.61
C CYS B 498 47.45 -7.65 34.94
N GLY B 499 48.63 -8.25 34.89
CA GLY B 499 49.33 -8.75 36.06
C GLY B 499 50.81 -8.55 35.81
N TRP B 500 51.61 -8.82 36.83
CA TRP B 500 52.99 -8.41 36.84
C TRP B 500 53.92 -9.61 36.62
N CYS B 501 54.64 -9.57 35.50
CA CYS B 501 55.58 -10.60 35.12
C CYS B 501 56.90 -10.26 35.82
N ALA B 502 57.04 -10.80 37.03
CA ALA B 502 58.00 -10.32 38.01
C ALA B 502 59.44 -10.38 37.55
N LEU B 503 59.85 -11.53 37.02
CA LEU B 503 61.24 -11.70 36.62
C LEU B 503 61.60 -10.95 35.34
N HIS B 504 60.59 -10.51 34.60
CA HIS B 504 60.86 -9.76 33.37
C HIS B 504 60.51 -8.29 33.51
N ASN B 505 60.26 -7.86 34.75
CA ASN B 505 60.01 -6.45 35.06
C ASN B 505 58.97 -5.86 34.08
N MET B 506 57.86 -6.56 33.90
CA MET B 506 56.91 -6.24 32.84
C MET B 506 55.45 -6.51 33.27
N CYS B 507 54.55 -5.61 32.91
CA CYS B 507 53.11 -5.77 33.08
C CYS B 507 52.52 -6.41 31.82
N SER B 508 51.76 -7.49 32.01
CA SER B 508 51.24 -8.24 30.88
C SER B 508 50.05 -9.13 31.25
N ARG B 509 49.40 -9.66 30.22
CA ARG B 509 48.47 -10.78 30.34
C ARG B 509 49.21 -12.00 30.89
N ARG B 510 48.47 -12.87 31.57
CA ARG B 510 49.00 -14.12 32.08
C ARG B 510 49.71 -14.92 30.98
N ASP B 511 49.03 -15.10 29.86
CA ASP B 511 49.53 -15.96 28.80
C ASP B 511 50.68 -15.33 28.02
N LYS B 512 50.99 -14.07 28.28
CA LYS B 512 52.13 -13.42 27.61
C LYS B 512 53.32 -13.38 28.54
N CYS B 513 53.13 -13.91 29.74
CA CYS B 513 54.21 -13.99 30.70
C CYS B 513 54.89 -15.36 30.66
N GLN B 514 56.16 -15.36 30.27
CA GLN B 514 56.96 -16.58 30.21
C GLN B 514 56.98 -17.31 31.56
N ARG B 515 56.67 -18.61 31.53
CA ARG B 515 56.64 -19.42 32.75
C ARG B 515 55.67 -18.88 33.79
N ALA B 516 54.55 -18.34 33.34
CA ALA B 516 53.52 -17.80 34.25
C ALA B 516 53.05 -18.81 35.31
N TRP B 517 53.09 -20.10 34.97
CA TRP B 517 52.62 -21.19 35.88
C TRP B 517 53.49 -21.44 37.12
N GLU B 518 54.74 -20.97 37.10
CA GLU B 518 55.68 -21.20 38.22
C GLU B 518 55.49 -20.19 39.35
N ALA B 519 55.73 -20.63 40.59
CA ALA B 519 55.42 -19.81 41.76
C ALA B 519 56.11 -18.44 41.67
N ASN B 520 55.39 -17.38 42.06
CA ASN B 520 55.94 -16.02 42.12
C ASN B 520 56.28 -15.34 40.78
N ARG B 521 56.14 -16.06 39.66
CA ARG B 521 56.45 -15.49 38.34
C ARG B 521 55.41 -14.44 37.85
N PHE B 522 54.14 -14.66 38.15
CA PHE B 522 53.11 -13.72 37.71
C PHE B 522 52.32 -13.28 38.92
N ALA B 523 52.45 -12.01 39.28
CA ALA B 523 51.69 -11.45 40.39
C ALA B 523 50.32 -11.02 39.88
N ALA B 524 49.27 -11.58 40.49
CA ALA B 524 47.90 -11.33 40.09
C ALA B 524 47.16 -10.46 41.08
N SER B 525 47.87 -9.98 42.10
CA SER B 525 47.29 -9.06 43.08
C SER B 525 48.34 -8.08 43.61
N ILE B 526 47.88 -7.03 44.30
CA ILE B 526 48.75 -6.01 44.86
C ILE B 526 49.75 -6.62 45.86
N SER B 527 49.24 -7.45 46.77
CA SER B 527 50.07 -8.04 47.81
C SER B 527 51.09 -9.02 47.21
N GLN B 528 50.74 -9.67 46.10
CA GLN B 528 51.69 -10.53 45.41
C GLN B 528 52.90 -9.78 44.85
N CYS B 529 52.78 -8.46 44.65
CA CYS B 529 53.92 -7.64 44.28
C CYS B 529 55.07 -7.84 45.26
N MET B 530 54.73 -7.84 46.55
CA MET B 530 55.71 -7.99 47.61
C MET B 530 56.25 -9.41 47.68
N SER B 531 55.35 -10.39 47.77
CA SER B 531 55.79 -11.79 47.85
C SER B 531 56.63 -12.18 46.65
N SER B 532 56.30 -11.64 45.47
CA SER B 532 57.11 -11.84 44.25
C SER B 532 58.52 -11.27 44.43
N ARG B 533 58.61 -10.12 45.08
CA ARG B 533 59.87 -9.47 45.36
C ARG B 533 60.55 -10.18 46.53
#